data_4PVB
#
_entry.id   4PVB
#
_cell.length_a   224.264
_cell.length_b   224.264
_cell.length_c   57.943
_cell.angle_alpha   90.00
_cell.angle_beta   90.00
_cell.angle_gamma   120.00
#
_symmetry.space_group_name_H-M   'H 3'
#
loop_
_entity.id
_entity.type
_entity.pdbx_description
1 polymer 'Aminopeptidase N'
2 non-polymer '[(1S)-1-amino-3-methylbutyl]phosphonic acid'
3 non-polymer 'ZINC ION'
4 non-polymer 'SULFATE ION'
5 non-polymer 'PHOSPHATE ION'
6 water water
#
_entity_poly.entity_id   1
_entity_poly.type   'polypeptide(L)'
_entity_poly.pdbx_seq_one_letter_code
;(MSE)SKTVHYLKDYQTPAYHILKTDLHFDINEPQTVVKSRLTVEPQRVGEPLVLDGSAKLLSVKINGAAADYVLEGETL
TIAGVPSERFTVEVETEILPAENKSL(MSE)GLYASGGNLFTQCEPEGFRKITFYIDRPDV(MSE)SKFTTTIVADKKRY
PVLLSNGNKIDGGEFSDGRHWVKWEDPFSKPSYLFALVAGDLAVTEDYFTT(MSE)SGRNVKIEFYTTEADKPKVGFAVE
SLKNA(MSE)KWDETRFGLEYDLDIF(MSE)VVAVGDFN(MSE)GA(MSE)ENKGLNIFNTKFVLADSRTATDTDFEGIE
SVVGHEYFHNWTGNRVTCRDWFQLSLKEGLTVFRDQEFSGDRASRAVRRIENIRLLRQHQFPEDAGPTAHPVRPASYEE
(MSE)NNFYT(MSE)TVYEKGAEVVR(MSE)YHTLLGEEGFQKG(MSE)KLYFQRHDGQAVTCDDFRAA(MSE)ADANGI
NLDQFALWYSQAGTPVLEAEGRLKNNIFELTVKQTVPPTPD(MSE)TDKQP(MSE)(MSE)IPVKVGLLNRNGEAVAFDY
QGKRATEAVLLLTEAEQTFLLEGVTEAVVPSLLRGFSAPVHLNYPYSDDDLLLLLAHDSDAFTRWEAAQTLYRRAVAANL
ATLSDGVELPKHEKLLAAVEKVISDDLLDNAFKALLLGVPSEAELWDGAENIDPLRYHQAREALLDTLAVHFLPKWHELN
RQAAKQENQSYEYSPEAAGWRTLRNVCRAFVLRADPAHIETVAEKYGE(MSE)AQN(MSE)THEWGILSAVNGNESDTRN
RLLAQFADKFSDDALV(MSE)DKYFALVGSSRRSDTLQQVRTALQHPKFSLENPNKARSLIGSFSRNVPHFHAEDGSGYR
FIADKVIEIDRFNPQVAARLVQAFNLCNKLEPHRKNLVKQALQRIRAQEGLSKDVGEIVGKILD
;
_entity_poly.pdbx_strand_id   A
#
# COMPACT_ATOMS: atom_id res chain seq x y z
N THR A 4 0.14 -15.47 -23.33
CA THR A 4 -0.55 -14.24 -23.77
C THR A 4 -0.02 -13.10 -22.86
N VAL A 5 0.54 -12.09 -23.50
CA VAL A 5 0.94 -10.85 -22.88
C VAL A 5 -0.01 -9.80 -23.43
N HIS A 6 -0.43 -8.88 -22.56
CA HIS A 6 -1.29 -7.81 -22.98
C HIS A 6 -0.39 -6.57 -23.13
N TYR A 7 -0.55 -5.86 -24.24
CA TYR A 7 0.25 -4.65 -24.56
C TYR A 7 -0.65 -3.41 -24.68
N LEU A 8 -0.19 -2.31 -24.10
CA LEU A 8 -0.92 -1.04 -24.06
C LEU A 8 -1.09 -0.50 -25.46
N LYS A 9 -0.07 -0.70 -26.26
CA LYS A 9 -0.05 -0.25 -27.63
C LYS A 9 -1.16 -0.94 -28.42
N ASP A 10 -1.70 -2.07 -27.98
CA ASP A 10 -2.78 -2.70 -28.76
C ASP A 10 -4.20 -2.28 -28.31
N TYR A 11 -4.37 -1.34 -27.39
CA TYR A 11 -5.70 -0.97 -26.98
C TYR A 11 -6.56 -0.66 -28.18
N GLN A 12 -7.74 -1.28 -28.23
CA GLN A 12 -8.77 -0.85 -29.13
C GLN A 12 -10.11 -0.79 -28.42
N THR A 13 -10.95 0.18 -28.78
CA THR A 13 -12.31 0.28 -28.20
C THR A 13 -13.15 -0.99 -28.40
N PRO A 14 -14.14 -1.20 -27.51
CA PRO A 14 -14.95 -2.39 -27.64
C PRO A 14 -15.92 -2.35 -28.81
N ALA A 15 -16.05 -3.52 -29.41
CA ALA A 15 -16.98 -3.74 -30.45
C ALA A 15 -18.38 -3.65 -29.94
N TYR A 16 -18.57 -3.89 -28.62
CA TYR A 16 -19.92 -3.87 -28.06
C TYR A 16 -19.96 -3.05 -26.82
N HIS A 17 -21.09 -2.41 -26.60
CA HIS A 17 -21.35 -1.77 -25.34
C HIS A 17 -22.44 -2.52 -24.65
N ILE A 18 -22.41 -2.44 -23.33
CA ILE A 18 -23.45 -3.02 -22.50
C ILE A 18 -24.19 -1.90 -21.80
N LEU A 19 -25.47 -1.77 -22.11
CA LEU A 19 -26.21 -0.62 -21.57
C LEU A 19 -26.83 -0.88 -20.23
N LYS A 20 -27.42 -2.06 -20.07
CA LYS A 20 -28.13 -2.45 -18.85
C LYS A 20 -27.73 -3.88 -18.58
N THR A 21 -27.47 -4.09 -17.31
CA THR A 21 -27.06 -5.37 -16.78
C THR A 21 -27.98 -5.71 -15.64
N ASP A 22 -28.84 -6.69 -15.86
CA ASP A 22 -29.81 -7.13 -14.88
C ASP A 22 -29.34 -8.48 -14.39
N LEU A 23 -29.12 -8.58 -13.08
CA LEU A 23 -28.60 -9.80 -12.50
C LEU A 23 -29.60 -10.38 -11.50
N HIS A 24 -29.68 -11.70 -11.44
CA HIS A 24 -30.49 -12.36 -10.47
C HIS A 24 -29.69 -13.54 -9.84
N PHE A 25 -29.62 -13.51 -8.52
CA PHE A 25 -28.84 -14.45 -7.77
C PHE A 25 -29.79 -15.33 -6.94
N ASP A 26 -29.65 -16.64 -7.08
CA ASP A 26 -30.44 -17.56 -6.33
C ASP A 26 -29.49 -18.33 -5.45
N ILE A 27 -29.44 -18.01 -4.18
CA ILE A 27 -28.43 -18.61 -3.30
C ILE A 27 -29.01 -19.83 -2.61
N ASN A 28 -28.34 -20.97 -2.77
CA ASN A 28 -28.77 -22.26 -2.15
C ASN A 28 -27.57 -22.96 -1.56
N GLU A 29 -27.75 -24.14 -0.96
CA GLU A 29 -26.63 -24.96 -0.47
C GLU A 29 -26.50 -26.17 -1.35
N PRO A 30 -25.31 -26.38 -1.95
CA PRO A 30 -24.15 -25.51 -1.79
C PRO A 30 -24.03 -24.41 -2.88
N GLN A 31 -24.89 -24.48 -3.89
CA GLN A 31 -24.67 -23.73 -5.13
C GLN A 31 -25.49 -22.47 -5.19
N THR A 32 -25.00 -21.52 -5.97
CA THR A 32 -25.66 -20.27 -6.27
C THR A 32 -25.77 -20.13 -7.78
N VAL A 33 -26.95 -19.75 -8.23
CA VAL A 33 -27.22 -19.69 -9.66
C VAL A 33 -27.45 -18.24 -10.10
N VAL A 34 -26.73 -17.81 -11.13
CA VAL A 34 -26.75 -16.47 -11.58
C VAL A 34 -27.38 -16.42 -12.94
N LYS A 35 -28.45 -15.63 -13.09
CA LYS A 35 -29.09 -15.39 -14.37
C LYS A 35 -28.99 -13.92 -14.67
N SER A 36 -28.41 -13.63 -15.82
CA SER A 36 -28.16 -12.30 -16.24
C SER A 36 -29.09 -11.94 -17.41
N ARG A 37 -29.30 -10.65 -17.55
CA ARG A 37 -29.92 -10.14 -18.74
C ARG A 37 -29.17 -8.87 -19.15
N LEU A 38 -28.50 -8.97 -20.28
CA LEU A 38 -27.69 -7.90 -20.76
C LEU A 38 -28.37 -7.31 -21.93
N THR A 39 -28.42 -5.98 -21.91
CA THR A 39 -28.80 -5.18 -23.06
C THR A 39 -27.56 -4.71 -23.80
N VAL A 40 -27.40 -5.18 -25.02
CA VAL A 40 -26.18 -4.96 -25.78
C VAL A 40 -26.32 -4.03 -26.98
N GLU A 41 -25.34 -3.15 -27.08
CA GLU A 41 -25.30 -2.17 -28.10
C GLU A 41 -24.05 -2.31 -28.98
N PRO A 42 -24.25 -2.86 -30.19
CA PRO A 42 -23.19 -2.94 -31.19
C PRO A 42 -22.58 -1.60 -31.43
N GLN A 43 -21.27 -1.52 -31.42
CA GLN A 43 -20.52 -0.38 -31.90
C GLN A 43 -19.91 -0.71 -33.27
N ARG A 44 -19.34 -1.91 -33.42
CA ARG A 44 -18.85 -2.41 -34.69
C ARG A 44 -19.70 -3.58 -35.05
N VAL A 45 -20.68 -3.26 -35.84
CA VAL A 45 -21.74 -4.14 -36.25
C VAL A 45 -21.16 -5.35 -36.98
N GLY A 46 -21.78 -6.50 -36.83
CA GLY A 46 -21.26 -7.73 -37.48
C GLY A 46 -20.07 -8.46 -36.77
N GLU A 47 -19.37 -7.80 -35.83
CA GLU A 47 -18.29 -8.51 -35.13
C GLU A 47 -18.87 -9.60 -34.23
N PRO A 48 -18.11 -10.68 -34.01
CA PRO A 48 -18.56 -11.66 -33.06
C PRO A 48 -18.67 -11.03 -31.68
N LEU A 49 -19.66 -11.50 -30.91
CA LEU A 49 -19.82 -11.12 -29.51
C LEU A 49 -18.93 -12.01 -28.65
N VAL A 50 -18.03 -11.37 -27.91
CA VAL A 50 -17.02 -12.10 -27.16
C VAL A 50 -17.15 -11.84 -25.69
N LEU A 51 -17.51 -12.86 -24.92
CA LEU A 51 -17.68 -12.67 -23.50
C LEU A 51 -16.64 -13.37 -22.65
N ASP A 52 -16.08 -12.66 -21.66
CA ASP A 52 -15.19 -13.34 -20.67
C ASP A 52 -15.99 -14.06 -19.68
N GLY A 53 -15.56 -15.27 -19.33
CA GLY A 53 -16.22 -15.97 -18.24
C GLY A 53 -15.50 -17.25 -17.84
N SER A 54 -15.58 -17.62 -16.56
CA SER A 54 -14.98 -18.89 -16.07
C SER A 54 -15.88 -19.69 -15.15
N ALA A 55 -17.09 -19.22 -14.86
CA ALA A 55 -18.04 -19.99 -14.00
C ALA A 55 -18.71 -21.10 -14.82
N LYS A 56 -19.29 -22.08 -14.15
CA LYS A 56 -19.89 -23.18 -14.89
C LYS A 56 -21.10 -22.66 -15.68
N LEU A 57 -21.13 -22.92 -16.97
CA LEU A 57 -22.13 -22.33 -17.84
C LEU A 57 -23.27 -23.29 -17.96
N LEU A 58 -24.51 -22.91 -17.63
CA LEU A 58 -25.68 -23.76 -17.81
C LEU A 58 -26.53 -23.43 -19.06
N SER A 59 -26.65 -22.14 -19.41
CA SER A 59 -27.37 -21.79 -20.65
C SER A 59 -26.99 -20.39 -21.13
N VAL A 60 -27.14 -20.16 -22.44
CA VAL A 60 -27.02 -18.84 -23.03
C VAL A 60 -28.03 -18.59 -24.15
N LYS A 61 -28.58 -17.37 -24.19
CA LYS A 61 -29.61 -17.01 -25.11
C LYS A 61 -29.37 -15.68 -25.74
N ILE A 62 -29.81 -15.55 -26.98
CA ILE A 62 -29.87 -14.25 -27.65
C ILE A 62 -31.35 -14.07 -27.89
N ASN A 63 -31.90 -12.91 -27.49
CA ASN A 63 -33.32 -12.65 -27.54
C ASN A 63 -34.21 -13.86 -27.18
N GLY A 64 -34.00 -14.36 -25.97
CA GLY A 64 -34.85 -15.38 -25.44
C GLY A 64 -34.65 -16.74 -26.02
N ALA A 65 -33.91 -16.83 -27.13
CA ALA A 65 -33.70 -18.12 -27.79
C ALA A 65 -32.28 -18.67 -27.59
N ALA A 66 -32.19 -19.98 -27.42
CA ALA A 66 -30.91 -20.66 -27.30
C ALA A 66 -29.96 -20.23 -28.41
N ALA A 67 -28.79 -19.80 -28.01
CA ALA A 67 -27.86 -19.15 -28.91
C ALA A 67 -26.94 -20.18 -29.43
N ASP A 68 -26.44 -19.94 -30.63
CA ASP A 68 -25.34 -20.73 -31.15
C ASP A 68 -24.05 -20.00 -30.77
N TYR A 69 -23.16 -20.72 -30.13
CA TYR A 69 -22.03 -20.11 -29.48
C TYR A 69 -20.98 -21.21 -29.35
N VAL A 70 -19.78 -20.80 -28.97
CA VAL A 70 -18.76 -21.75 -28.62
C VAL A 70 -18.03 -21.26 -27.34
N LEU A 71 -17.70 -22.23 -26.47
CA LEU A 71 -16.93 -21.95 -25.27
C LEU A 71 -15.56 -22.54 -25.44
N GLU A 72 -14.55 -21.72 -25.24
CA GLU A 72 -13.15 -22.13 -25.39
C GLU A 72 -12.32 -21.34 -24.37
N GLY A 73 -11.65 -22.06 -23.49
CA GLY A 73 -10.87 -21.47 -22.43
C GLY A 73 -11.80 -20.67 -21.60
N GLU A 74 -11.46 -19.41 -21.34
CA GLU A 74 -12.36 -18.53 -20.59
C GLU A 74 -13.17 -17.54 -21.44
N THR A 75 -13.47 -17.93 -22.67
CA THR A 75 -14.27 -17.06 -23.51
C THR A 75 -15.45 -17.78 -24.16
N LEU A 76 -16.51 -17.02 -24.29
CA LEU A 76 -17.68 -17.49 -24.92
C LEU A 76 -17.90 -16.62 -26.12
N THR A 77 -18.09 -17.29 -27.27
CA THR A 77 -18.21 -16.55 -28.52
C THR A 77 -19.49 -16.88 -29.28
N ILE A 78 -20.24 -15.82 -29.61
CA ILE A 78 -21.47 -15.92 -30.40
C ILE A 78 -21.25 -15.15 -31.72
N ALA A 79 -21.19 -15.91 -32.80
CA ALA A 79 -20.77 -15.46 -34.10
C ALA A 79 -21.81 -14.59 -34.73
N GLY A 80 -23.03 -15.08 -34.80
CA GLY A 80 -24.09 -14.39 -35.53
C GLY A 80 -24.92 -13.63 -34.53
N VAL A 81 -24.88 -12.31 -34.62
CA VAL A 81 -25.61 -11.51 -33.68
C VAL A 81 -26.24 -10.32 -34.37
N PRO A 82 -27.42 -9.92 -33.88
CA PRO A 82 -28.17 -8.82 -34.46
C PRO A 82 -27.31 -7.62 -34.73
N SER A 83 -27.72 -6.88 -35.74
CA SER A 83 -27.02 -5.72 -36.23
C SER A 83 -27.47 -4.49 -35.46
N GLU A 84 -28.45 -4.65 -34.58
CA GLU A 84 -28.78 -3.59 -33.63
C GLU A 84 -29.17 -4.19 -32.26
N ARG A 85 -29.59 -3.33 -31.33
CA ARG A 85 -29.85 -3.74 -29.96
C ARG A 85 -30.43 -5.15 -29.77
N PHE A 86 -29.82 -5.91 -28.86
CA PHE A 86 -30.32 -7.21 -28.48
C PHE A 86 -29.98 -7.50 -27.03
N THR A 87 -30.52 -8.63 -26.58
CA THR A 87 -30.24 -9.12 -25.29
C THR A 87 -29.46 -10.40 -25.36
N VAL A 88 -28.60 -10.54 -24.36
CA VAL A 88 -27.99 -11.80 -24.04
C VAL A 88 -28.43 -12.19 -22.66
N GLU A 89 -28.82 -13.47 -22.46
CA GLU A 89 -29.08 -14.00 -21.12
C GLU A 89 -28.16 -15.17 -20.82
N VAL A 90 -27.33 -15.03 -19.80
CA VAL A 90 -26.46 -16.08 -19.40
C VAL A 90 -26.83 -16.63 -18.06
N GLU A 91 -26.81 -17.95 -17.97
CA GLU A 91 -27.05 -18.62 -16.71
C GLU A 91 -25.80 -19.34 -16.27
N THR A 92 -25.33 -19.08 -15.04
CA THR A 92 -24.17 -19.72 -14.46
C THR A 92 -24.41 -20.29 -13.07
N GLU A 93 -23.50 -21.15 -12.69
CA GLU A 93 -23.56 -21.83 -11.41
C GLU A 93 -22.22 -21.79 -10.73
N ILE A 94 -22.26 -21.42 -9.47
CA ILE A 94 -21.07 -21.20 -8.66
C ILE A 94 -21.15 -21.95 -7.36
N LEU A 95 -19.98 -22.41 -6.90
CA LEU A 95 -19.90 -23.11 -5.62
C LEU A 95 -19.02 -22.23 -4.70
N PRO A 96 -19.63 -21.27 -4.05
CA PRO A 96 -18.82 -20.24 -3.39
C PRO A 96 -17.98 -20.76 -2.24
N ALA A 97 -18.39 -21.85 -1.59
CA ALA A 97 -17.55 -22.43 -0.48
C ALA A 97 -16.26 -23.07 -1.01
N GLU A 98 -16.20 -23.34 -2.30
CA GLU A 98 -15.04 -23.94 -2.90
C GLU A 98 -14.06 -22.86 -3.37
N ASN A 99 -14.47 -21.60 -3.33
CA ASN A 99 -13.62 -20.54 -3.81
C ASN A 99 -12.65 -20.06 -2.75
N LYS A 100 -11.42 -20.55 -2.85
CA LYS A 100 -10.30 -20.13 -1.97
C LYS A 100 -9.45 -19.04 -2.55
N SER A 101 -9.68 -18.65 -3.79
CA SER A 101 -8.89 -17.60 -4.40
C SER A 101 -9.34 -16.23 -3.88
N LEU A 102 -10.57 -16.18 -3.40
CA LEU A 102 -11.13 -14.95 -2.83
C LEU A 102 -11.32 -13.86 -3.91
N GLY A 104 -14.01 -13.17 -7.20
CA GLY A 104 -15.35 -13.61 -7.56
C GLY A 104 -16.33 -13.63 -6.40
N LEU A 105 -17.25 -14.60 -6.41
CA LEU A 105 -18.19 -14.83 -5.32
C LEU A 105 -17.59 -15.93 -4.43
N TYR A 106 -17.41 -15.64 -3.14
CA TYR A 106 -16.79 -16.58 -2.22
C TYR A 106 -17.38 -16.51 -0.82
N ALA A 107 -17.12 -17.54 -0.05
CA ALA A 107 -17.66 -17.66 1.30
C ALA A 107 -16.61 -17.23 2.29
N SER A 108 -17.04 -16.71 3.43
CA SER A 108 -16.15 -16.32 4.52
C SER A 108 -17.03 -16.26 5.71
N GLY A 109 -16.64 -17.02 6.76
CA GLY A 109 -17.37 -17.10 8.03
C GLY A 109 -18.87 -17.38 7.93
N GLY A 110 -19.27 -18.18 6.95
CA GLY A 110 -20.67 -18.54 6.76
C GLY A 110 -21.44 -17.57 5.89
N ASN A 111 -20.81 -16.49 5.45
CA ASN A 111 -21.45 -15.47 4.63
C ASN A 111 -20.80 -15.42 3.22
N LEU A 112 -21.33 -14.59 2.34
CA LEU A 112 -20.91 -14.54 0.96
C LEU A 112 -20.57 -13.13 0.63
N PHE A 113 -19.46 -13.00 -0.08
CA PHE A 113 -18.91 -11.72 -0.47
C PHE A 113 -18.34 -11.81 -1.89
N THR A 114 -18.04 -10.69 -2.48
CA THR A 114 -17.45 -10.66 -3.81
C THR A 114 -16.28 -9.74 -3.81
N GLN A 115 -15.35 -10.05 -4.71
CA GLN A 115 -14.26 -9.19 -4.96
C GLN A 115 -14.07 -9.23 -6.48
N CYS A 116 -14.36 -8.12 -7.13
CA CYS A 116 -14.34 -8.12 -8.61
C CYS A 116 -13.14 -7.38 -9.27
N GLU A 117 -12.47 -6.45 -8.60
CA GLU A 117 -11.33 -5.81 -9.25
C GLU A 117 -10.10 -6.66 -9.14
N PRO A 118 -9.37 -6.86 -10.26
CA PRO A 118 -9.73 -6.37 -11.60
C PRO A 118 -10.60 -7.29 -12.50
N GLU A 119 -10.45 -8.60 -12.40
CA GLU A 119 -11.14 -9.47 -13.37
C GLU A 119 -11.96 -10.56 -12.73
N GLY A 120 -12.53 -10.29 -11.55
CA GLY A 120 -13.27 -11.30 -10.78
C GLY A 120 -14.69 -11.53 -11.23
N PHE A 121 -15.31 -10.50 -11.85
CA PHE A 121 -16.67 -10.60 -12.32
C PHE A 121 -16.94 -11.73 -13.31
N ARG A 122 -15.94 -11.98 -14.13
CA ARG A 122 -16.01 -13.03 -15.11
C ARG A 122 -16.01 -14.40 -14.37
N LYS A 123 -15.65 -14.40 -13.09
CA LYS A 123 -15.85 -15.61 -12.29
C LYS A 123 -17.33 -15.77 -11.78
N ILE A 124 -18.16 -14.80 -12.03
CA ILE A 124 -19.55 -14.83 -11.58
C ILE A 124 -20.45 -15.05 -12.80
N THR A 125 -20.16 -14.32 -13.87
CA THR A 125 -20.93 -14.43 -15.08
C THR A 125 -20.07 -14.16 -16.28
N PHE A 126 -20.60 -14.51 -17.45
CA PHE A 126 -19.94 -14.20 -18.74
C PHE A 126 -20.32 -12.78 -19.13
N TYR A 127 -19.33 -11.96 -19.45
CA TYR A 127 -19.55 -10.55 -19.58
C TYR A 127 -18.41 -9.94 -20.36
N ILE A 128 -18.53 -8.67 -20.74
CA ILE A 128 -17.43 -7.95 -21.29
C ILE A 128 -16.71 -7.20 -20.17
N ASP A 129 -15.70 -7.90 -19.63
CA ASP A 129 -15.19 -7.64 -18.30
C ASP A 129 -13.94 -6.78 -18.38
N ARG A 130 -14.15 -5.52 -18.75
CA ARG A 130 -13.14 -4.57 -19.03
C ARG A 130 -13.72 -3.18 -18.69
N PRO A 131 -12.88 -2.31 -18.15
CA PRO A 131 -13.37 -1.13 -17.46
C PRO A 131 -13.90 0.01 -18.37
N ASP A 132 -13.67 -0.10 -19.65
CA ASP A 132 -14.21 0.92 -20.57
C ASP A 132 -15.62 0.54 -21.03
N VAL A 133 -16.10 -0.62 -20.59
CA VAL A 133 -17.47 -1.02 -20.76
C VAL A 133 -18.23 -0.73 -19.47
N SER A 135 -22.01 0.00 -17.58
CA SER A 135 -23.41 -0.39 -17.70
C SER A 135 -24.18 -0.02 -16.47
N LYS A 136 -25.49 0.07 -16.61
CA LYS A 136 -26.35 0.32 -15.43
C LYS A 136 -26.88 -0.96 -14.82
N PHE A 137 -26.56 -1.23 -13.55
CA PHE A 137 -26.87 -2.54 -12.96
C PHE A 137 -28.09 -2.47 -12.05
N THR A 138 -28.92 -3.49 -12.16
CA THR A 138 -29.96 -3.80 -11.21
C THR A 138 -29.86 -5.26 -10.81
N THR A 139 -29.78 -5.48 -9.51
CA THR A 139 -29.42 -6.75 -8.95
C THR A 139 -30.53 -7.24 -8.02
N THR A 140 -31.10 -8.40 -8.37
CA THR A 140 -32.03 -9.14 -7.56
C THR A 140 -31.31 -10.31 -6.88
N ILE A 141 -31.62 -10.52 -5.60
CA ILE A 141 -31.01 -11.59 -4.79
C ILE A 141 -32.07 -12.37 -4.02
N VAL A 142 -32.04 -13.68 -4.10
CA VAL A 142 -32.99 -14.54 -3.39
C VAL A 142 -32.19 -15.51 -2.50
N ALA A 143 -32.63 -15.75 -1.28
CA ALA A 143 -31.89 -16.60 -0.35
C ALA A 143 -32.75 -16.93 0.89
N ASP A 144 -32.37 -17.99 1.60
CA ASP A 144 -32.99 -18.32 2.86
C ASP A 144 -32.88 -17.17 3.82
N LYS A 145 -33.99 -16.77 4.45
CA LYS A 145 -34.00 -15.58 5.27
C LYS A 145 -33.19 -15.71 6.53
N LYS A 146 -33.27 -16.87 7.16
CA LYS A 146 -32.65 -17.05 8.43
C LYS A 146 -31.16 -17.15 8.27
N ARG A 147 -30.70 -17.91 7.30
CA ARG A 147 -29.25 -18.01 7.02
C ARG A 147 -28.71 -16.69 6.43
N TYR A 148 -29.49 -16.06 5.57
CA TYR A 148 -29.02 -14.86 4.88
C TYR A 148 -29.97 -13.70 5.01
N PRO A 149 -30.08 -13.15 6.24
CA PRO A 149 -31.04 -12.07 6.46
C PRO A 149 -30.64 -10.75 5.78
N VAL A 150 -29.35 -10.59 5.48
CA VAL A 150 -28.81 -9.38 4.99
C VAL A 150 -28.38 -9.65 3.54
N LEU A 151 -28.95 -8.90 2.63
CA LEU A 151 -28.69 -9.09 1.20
C LEU A 151 -28.50 -7.74 0.54
N LEU A 152 -27.27 -7.50 0.07
CA LEU A 152 -26.86 -6.18 -0.41
C LEU A 152 -26.24 -6.26 -1.78
N SER A 153 -26.42 -5.20 -2.56
CA SER A 153 -25.61 -4.93 -3.75
C SER A 153 -25.55 -3.39 -3.94
N ASN A 154 -24.87 -2.94 -4.99
CA ASN A 154 -24.69 -1.53 -5.20
C ASN A 154 -25.99 -0.79 -5.38
N GLY A 155 -26.04 0.43 -4.79
CA GLY A 155 -27.05 1.43 -5.16
C GLY A 155 -28.21 1.51 -4.21
N ASN A 156 -29.41 1.67 -4.78
CA ASN A 156 -30.63 1.87 -3.96
C ASN A 156 -31.47 0.62 -3.89
N LYS A 157 -32.03 0.34 -2.74
CA LYS A 157 -32.88 -0.82 -2.62
C LYS A 157 -34.23 -0.36 -2.98
N ILE A 158 -34.82 -0.96 -4.02
CA ILE A 158 -36.07 -0.49 -4.54
C ILE A 158 -37.18 -1.48 -4.38
N ASP A 159 -36.89 -2.71 -4.00
CA ASP A 159 -37.98 -3.67 -3.84
C ASP A 159 -37.47 -4.87 -3.08
N GLY A 160 -38.41 -5.69 -2.60
CA GLY A 160 -38.08 -6.88 -1.85
C GLY A 160 -39.37 -7.53 -1.40
N GLY A 161 -39.27 -8.76 -0.89
CA GLY A 161 -40.42 -9.45 -0.35
C GLY A 161 -40.03 -10.76 0.31
N GLU A 162 -41.05 -11.52 0.69
CA GLU A 162 -40.88 -12.76 1.39
C GLU A 162 -41.55 -13.82 0.52
N PHE A 163 -41.08 -15.06 0.60
CA PHE A 163 -41.78 -16.22 0.06
C PHE A 163 -42.22 -17.17 1.18
N SER A 164 -43.25 -17.98 0.89
CA SER A 164 -43.79 -18.94 1.86
C SER A 164 -42.77 -19.89 2.47
N ASP A 165 -41.85 -20.33 1.63
CA ASP A 165 -40.92 -21.40 2.00
C ASP A 165 -39.75 -20.94 2.85
N GLY A 166 -39.76 -19.72 3.35
CA GLY A 166 -38.66 -19.21 4.15
C GLY A 166 -37.65 -18.34 3.42
N ARG A 167 -37.73 -18.29 2.09
CA ARG A 167 -36.80 -17.45 1.38
C ARG A 167 -37.32 -16.01 1.39
N HIS A 168 -36.41 -15.07 1.17
CA HIS A 168 -36.79 -13.66 0.94
C HIS A 168 -35.91 -13.15 -0.16
N TRP A 169 -36.28 -12.00 -0.69
CA TRP A 169 -35.55 -11.44 -1.83
C TRP A 169 -35.42 -9.94 -1.66
N VAL A 170 -34.39 -9.36 -2.29
CA VAL A 170 -34.27 -7.91 -2.44
C VAL A 170 -33.90 -7.49 -3.87
N LYS A 171 -34.08 -6.22 -4.22
CA LYS A 171 -33.70 -5.71 -5.53
C LYS A 171 -33.05 -4.33 -5.37
N TRP A 172 -31.81 -4.27 -5.87
CA TRP A 172 -30.95 -3.09 -5.79
C TRP A 172 -30.73 -2.52 -7.15
N GLU A 173 -30.93 -1.22 -7.29
CA GLU A 173 -30.71 -0.51 -8.53
C GLU A 173 -29.62 0.57 -8.35
N ASP A 174 -28.51 0.46 -9.10
CA ASP A 174 -27.44 1.44 -9.03
C ASP A 174 -27.58 2.26 -10.32
N PRO A 175 -28.02 3.53 -10.17
CA PRO A 175 -28.30 4.35 -11.33
C PRO A 175 -27.07 4.92 -12.03
N PHE A 176 -25.88 4.72 -11.50
CA PHE A 176 -24.69 5.22 -12.17
C PHE A 176 -24.02 4.11 -12.96
N SER A 177 -23.90 4.30 -14.26
CA SER A 177 -23.12 3.40 -15.11
C SER A 177 -21.82 3.03 -14.52
N LYS A 178 -21.45 1.78 -14.61
CA LYS A 178 -20.16 1.42 -14.06
C LYS A 178 -19.56 0.25 -14.74
N PRO A 179 -18.25 0.20 -14.75
CA PRO A 179 -17.57 -0.98 -15.17
C PRO A 179 -17.79 -2.12 -14.18
N SER A 180 -17.68 -3.32 -14.71
CA SER A 180 -17.91 -4.56 -13.96
C SER A 180 -17.01 -4.73 -12.73
N TYR A 181 -15.81 -4.17 -12.73
CA TYR A 181 -15.02 -4.38 -11.52
C TYR A 181 -15.61 -3.70 -10.26
N LEU A 182 -16.60 -2.81 -10.41
CA LEU A 182 -17.16 -2.13 -9.25
C LEU A 182 -18.44 -2.73 -8.70
N PHE A 183 -18.83 -3.90 -9.23
CA PHE A 183 -19.96 -4.64 -8.75
C PHE A 183 -19.64 -5.31 -7.41
N ALA A 184 -20.61 -5.36 -6.52
CA ALA A 184 -20.45 -6.11 -5.27
C ALA A 184 -21.79 -6.72 -4.84
N LEU A 185 -21.70 -7.90 -4.23
CA LEU A 185 -22.80 -8.47 -3.54
C LEU A 185 -22.33 -9.00 -2.20
N VAL A 186 -23.19 -8.85 -1.19
CA VAL A 186 -22.94 -9.45 0.13
C VAL A 186 -24.19 -10.14 0.54
N ALA A 187 -24.06 -11.33 1.13
CA ALA A 187 -25.20 -12.05 1.67
C ALA A 187 -24.81 -12.72 2.95
N GLY A 188 -25.57 -12.51 4.02
CA GLY A 188 -25.13 -13.15 5.27
C GLY A 188 -25.84 -12.71 6.50
N ASP A 189 -25.44 -13.22 7.63
CA ASP A 189 -26.09 -12.85 8.89
C ASP A 189 -25.08 -11.89 9.50
N LEU A 190 -25.37 -10.60 9.47
CA LEU A 190 -24.37 -9.57 9.83
C LEU A 190 -25.03 -8.48 10.68
N ALA A 191 -24.28 -7.91 11.61
CA ALA A 191 -24.77 -6.88 12.45
C ALA A 191 -24.61 -5.54 11.77
N VAL A 192 -25.53 -4.64 11.99
CA VAL A 192 -25.42 -3.36 11.36
C VAL A 192 -25.13 -2.24 12.36
N THR A 193 -24.27 -1.31 11.96
CA THR A 193 -24.08 -0.05 12.74
C THR A 193 -24.54 1.10 11.84
N GLU A 194 -25.46 1.95 12.33
CA GLU A 194 -26.12 2.97 11.55
C GLU A 194 -25.68 4.36 11.93
N ASP A 195 -25.63 5.27 10.95
CA ASP A 195 -25.25 6.67 11.23
C ASP A 195 -25.64 7.52 10.06
N TYR A 196 -25.16 8.75 10.01
CA TYR A 196 -25.40 9.59 8.84
C TYR A 196 -24.50 10.81 8.77
N PHE A 197 -24.42 11.36 7.56
CA PHE A 197 -23.69 12.59 7.26
C PHE A 197 -24.65 13.41 6.37
N THR A 198 -24.69 14.73 6.54
CA THR A 198 -25.52 15.60 5.69
C THR A 198 -24.58 16.37 4.79
N THR A 199 -24.80 16.24 3.48
CA THR A 199 -23.93 16.85 2.53
C THR A 199 -24.17 18.35 2.55
N SER A 201 -25.17 20.35 0.50
CA SER A 201 -26.36 20.89 -0.06
C SER A 201 -27.57 20.33 0.69
N GLY A 202 -27.41 19.86 1.92
CA GLY A 202 -28.52 19.48 2.79
C GLY A 202 -29.16 18.12 2.54
N ARG A 203 -28.51 17.25 1.81
CA ARG A 203 -29.00 15.91 1.75
C ARG A 203 -28.37 14.96 2.78
N ASN A 204 -29.22 14.25 3.47
CA ASN A 204 -28.75 13.16 4.37
C ASN A 204 -28.28 11.93 3.59
N VAL A 205 -27.20 11.36 4.07
CA VAL A 205 -26.63 10.10 3.57
C VAL A 205 -26.60 9.14 4.71
N LYS A 206 -27.41 8.09 4.56
CA LYS A 206 -27.41 7.02 5.53
C LYS A 206 -26.15 6.17 5.40
N ILE A 207 -25.50 5.95 6.53
CA ILE A 207 -24.32 5.12 6.58
C ILE A 207 -24.58 3.85 7.33
N GLU A 208 -24.04 2.74 6.86
CA GLU A 208 -24.34 1.44 7.43
C GLU A 208 -23.10 0.68 7.37
N PHE A 209 -22.55 0.31 8.52
CA PHE A 209 -21.40 -0.63 8.52
C PHE A 209 -21.88 -2.01 8.95
N TYR A 210 -21.41 -3.00 8.25
CA TYR A 210 -21.83 -4.34 8.52
C TYR A 210 -20.65 -5.12 8.99
N THR A 211 -20.80 -5.79 10.12
CA THR A 211 -19.76 -6.64 10.70
C THR A 211 -20.41 -7.85 11.38
N THR A 212 -19.60 -8.80 11.86
CA THR A 212 -20.12 -9.77 12.82
C THR A 212 -20.65 -9.13 14.08
N GLU A 213 -21.55 -9.85 14.67
CA GLU A 213 -22.18 -9.37 15.93
C GLU A 213 -21.04 -9.07 16.96
N ALA A 214 -19.99 -9.86 16.94
CA ALA A 214 -18.99 -9.72 17.98
C ALA A 214 -18.01 -8.59 17.68
N ASP A 215 -17.82 -8.30 16.40
CA ASP A 215 -16.87 -7.32 15.95
C ASP A 215 -17.55 -5.91 16.00
N LYS A 216 -18.86 -5.81 16.08
CA LYS A 216 -19.60 -4.51 16.00
C LYS A 216 -19.11 -3.41 16.94
N PRO A 217 -18.76 -3.75 18.18
CA PRO A 217 -18.24 -2.65 19.05
C PRO A 217 -16.91 -2.07 18.65
N LYS A 218 -16.23 -2.65 17.65
CA LYS A 218 -14.93 -2.16 17.26
C LYS A 218 -14.98 -1.26 15.98
N VAL A 219 -16.17 -0.84 15.58
CA VAL A 219 -16.34 -0.19 14.31
C VAL A 219 -16.60 1.32 14.43
N GLY A 220 -16.75 1.83 15.63
CA GLY A 220 -16.98 3.30 15.83
C GLY A 220 -15.96 4.23 15.24
N PHE A 221 -14.70 3.86 15.29
CA PHE A 221 -13.69 4.80 14.77
C PHE A 221 -13.65 4.86 13.24
N ALA A 222 -13.89 3.74 12.58
CA ALA A 222 -14.16 3.71 11.12
C ALA A 222 -15.32 4.61 10.70
N VAL A 223 -16.45 4.50 11.40
CA VAL A 223 -17.56 5.36 11.08
C VAL A 223 -17.18 6.82 11.18
N GLU A 224 -16.59 7.20 12.27
CA GLU A 224 -16.18 8.60 12.43
C GLU A 224 -15.20 9.04 11.37
N SER A 225 -14.21 8.21 11.10
CA SER A 225 -13.26 8.51 10.01
C SER A 225 -13.96 8.73 8.66
N LEU A 226 -15.01 7.98 8.36
CA LEU A 226 -15.73 8.15 7.10
C LEU A 226 -16.39 9.52 7.05
N LYS A 227 -17.05 9.89 8.15
CA LYS A 227 -17.71 11.17 8.27
C LYS A 227 -16.68 12.27 8.17
N ASN A 228 -15.51 12.10 8.76
CA ASN A 228 -14.42 13.10 8.45
C ASN A 228 -14.04 13.16 6.98
N ALA A 229 -13.98 12.00 6.35
CA ALA A 229 -13.53 11.93 4.95
C ALA A 229 -14.56 12.61 4.01
N LYS A 231 -16.57 15.02 4.87
CA LYS A 231 -16.53 16.45 5.11
C LYS A 231 -15.36 17.05 4.34
N TRP A 232 -14.20 16.43 4.51
CA TRP A 232 -12.99 16.88 3.86
C TRP A 232 -13.03 16.91 2.32
N ASP A 233 -13.68 15.94 1.71
CA ASP A 233 -13.75 15.95 0.26
C ASP A 233 -14.61 17.16 -0.21
N GLU A 234 -15.58 17.58 0.59
CA GLU A 234 -16.32 18.76 0.27
C GLU A 234 -15.45 20.00 0.41
N THR A 235 -14.80 20.16 1.55
CA THR A 235 -14.09 21.40 1.83
C THR A 235 -12.81 21.58 1.08
N ARG A 236 -12.05 20.52 0.88
CA ARG A 236 -10.75 20.61 0.19
C ARG A 236 -10.88 20.48 -1.37
N PHE A 237 -11.77 19.60 -1.86
CA PHE A 237 -11.93 19.41 -3.29
C PHE A 237 -13.23 19.87 -3.85
N GLY A 238 -14.15 20.38 -3.03
CA GLY A 238 -15.53 20.59 -3.47
C GLY A 238 -16.26 19.35 -3.97
N LEU A 239 -15.92 18.16 -3.49
CA LEU A 239 -16.64 16.92 -3.91
C LEU A 239 -17.72 16.42 -2.95
N GLU A 240 -18.88 16.10 -3.51
CA GLU A 240 -20.08 15.79 -2.75
C GLU A 240 -20.51 14.36 -3.12
N TYR A 241 -21.12 13.65 -2.18
CA TYR A 241 -21.54 12.26 -2.39
C TYR A 241 -22.81 12.27 -3.15
N ASP A 242 -23.08 11.19 -3.87
CA ASP A 242 -24.06 11.20 -4.96
C ASP A 242 -25.19 10.18 -4.78
N LEU A 243 -25.28 9.54 -3.62
CA LEU A 243 -26.44 8.71 -3.30
C LEU A 243 -26.83 9.01 -1.88
N ASP A 244 -27.99 8.50 -1.47
CA ASP A 244 -28.48 8.70 -0.11
C ASP A 244 -28.16 7.53 0.81
N ILE A 245 -27.21 6.69 0.38
CA ILE A 245 -26.77 5.51 1.15
C ILE A 245 -25.30 5.23 0.85
N PHE A 246 -24.53 4.96 1.90
CA PHE A 246 -23.17 4.48 1.80
C PHE A 246 -23.00 3.34 2.77
N VAL A 248 -20.65 -0.04 4.19
CA VAL A 248 -19.34 -0.65 4.31
C VAL A 248 -19.46 -2.04 5.00
N VAL A 249 -18.74 -3.04 4.56
CA VAL A 249 -18.87 -4.34 5.01
C VAL A 249 -17.49 -4.88 5.33
N ALA A 250 -17.33 -5.39 6.53
CA ALA A 250 -16.03 -5.96 6.96
C ALA A 250 -16.04 -7.40 6.61
N VAL A 251 -14.89 -7.88 6.10
CA VAL A 251 -14.70 -9.32 5.88
C VAL A 251 -13.30 -9.81 6.26
N GLY A 252 -13.25 -10.94 6.96
CA GLY A 252 -11.95 -11.49 7.53
C GLY A 252 -11.05 -12.25 6.55
N ASP A 253 -11.62 -12.70 5.44
CA ASP A 253 -10.91 -13.31 4.36
C ASP A 253 -10.98 -12.38 3.17
N PHE A 254 -9.86 -11.74 2.89
CA PHE A 254 -9.76 -10.71 1.89
C PHE A 254 -8.29 -10.54 1.51
N ASN A 255 -8.04 -10.51 0.21
CA ASN A 255 -6.65 -10.46 -0.27
C ASN A 255 -5.95 -9.10 -0.06
N GLY A 257 -6.45 -4.67 1.05
CA GLY A 257 -6.82 -3.86 2.18
C GLY A 257 -8.30 -3.56 2.17
N ALA A 258 -8.80 -2.99 1.07
CA ALA A 258 -10.21 -2.56 0.92
C ALA A 258 -10.57 -2.24 -0.54
N GLU A 260 -13.39 -0.25 -3.36
CA GLU A 260 -14.30 0.88 -3.45
C GLU A 260 -15.64 0.64 -4.18
N ASN A 261 -16.23 -0.56 -4.15
CA ASN A 261 -17.42 -0.75 -4.96
C ASN A 261 -18.47 0.28 -4.58
N LYS A 262 -19.15 0.77 -5.63
CA LYS A 262 -19.99 1.97 -5.57
C LYS A 262 -21.08 1.76 -4.55
N GLY A 263 -20.98 2.53 -3.47
CA GLY A 263 -21.97 2.53 -2.40
C GLY A 263 -21.93 1.33 -1.44
N LEU A 264 -21.01 0.42 -1.68
CA LEU A 264 -20.94 -0.85 -0.96
C LEU A 264 -19.47 -1.25 -0.90
N ASN A 265 -18.69 -0.49 -0.17
CA ASN A 265 -17.31 -0.81 -0.03
C ASN A 265 -17.17 -2.06 0.83
N ILE A 266 -16.18 -2.87 0.51
CA ILE A 266 -15.89 -4.09 1.26
C ILE A 266 -14.46 -3.97 1.70
N PHE A 267 -14.25 -4.22 2.98
CA PHE A 267 -13.01 -3.87 3.73
C PHE A 267 -12.44 -5.11 4.45
N ASN A 268 -11.17 -5.35 4.33
CA ASN A 268 -10.50 -6.28 5.23
C ASN A 268 -10.76 -5.72 6.60
N THR A 269 -11.10 -6.60 7.52
CA THR A 269 -11.33 -6.21 8.91
C THR A 269 -10.25 -5.41 9.51
N LYS A 270 -9.03 -5.67 9.11
CA LYS A 270 -7.91 -4.93 9.67
C LYS A 270 -7.88 -3.41 9.31
N PHE A 271 -8.64 -3.01 8.33
CA PHE A 271 -8.76 -1.57 8.09
C PHE A 271 -10.15 -1.04 8.48
N VAL A 272 -10.84 -1.78 9.34
CA VAL A 272 -12.16 -1.37 9.76
C VAL A 272 -12.39 -1.47 11.26
N LEU A 273 -11.70 -2.37 11.94
CA LEU A 273 -11.99 -2.67 13.34
C LEU A 273 -10.79 -2.27 14.21
N ALA A 274 -11.13 -1.56 15.28
CA ALA A 274 -10.19 -1.14 16.26
C ALA A 274 -10.90 -0.80 17.55
N ASP A 275 -10.31 -1.18 18.67
CA ASP A 275 -10.47 -0.47 19.94
C ASP A 275 -9.13 -0.36 20.60
N SER A 276 -9.05 0.43 21.63
CA SER A 276 -7.74 0.70 22.20
C SER A 276 -7.18 -0.59 22.83
N ARG A 277 -8.02 -1.49 23.27
CA ARG A 277 -7.47 -2.70 23.89
C ARG A 277 -6.84 -3.69 22.90
N THR A 278 -7.28 -3.65 21.64
CA THR A 278 -6.84 -4.63 20.67
C THR A 278 -6.10 -4.08 19.43
N ALA A 279 -6.14 -2.75 19.21
CA ALA A 279 -5.51 -2.11 18.10
C ALA A 279 -4.47 -1.07 18.53
N THR A 280 -3.39 -0.99 17.73
CA THR A 280 -2.32 -0.03 17.96
C THR A 280 -2.77 1.28 17.38
N ASP A 281 -2.15 2.36 17.84
CA ASP A 281 -2.39 3.64 17.29
C ASP A 281 -2.19 3.59 15.79
N THR A 282 -1.10 2.97 15.30
CA THR A 282 -0.85 2.78 13.87
C THR A 282 -1.99 2.05 13.17
N ASP A 283 -2.56 1.04 13.83
CA ASP A 283 -3.76 0.40 13.28
C ASP A 283 -4.87 1.50 13.11
N PHE A 284 -5.04 2.36 14.13
CA PHE A 284 -6.04 3.41 14.04
C PHE A 284 -5.82 4.35 12.89
N GLU A 285 -4.57 4.80 12.70
CA GLU A 285 -4.19 5.66 11.55
C GLU A 285 -4.42 4.95 10.17
N GLY A 286 -4.14 3.65 10.09
CA GLY A 286 -4.46 2.88 8.89
C GLY A 286 -5.95 2.92 8.56
N ILE A 287 -6.79 2.72 9.58
CA ILE A 287 -8.23 2.74 9.39
C ILE A 287 -8.64 4.10 8.75
N GLU A 288 -8.12 5.19 9.29
CA GLU A 288 -8.47 6.52 8.84
C GLU A 288 -8.07 6.76 7.36
N SER A 289 -6.85 6.39 6.97
CA SER A 289 -6.39 6.54 5.60
C SER A 289 -7.17 5.64 4.67
N VAL A 290 -7.38 4.40 5.09
CA VAL A 290 -8.03 3.47 4.17
C VAL A 290 -9.53 3.74 3.99
N VAL A 291 -10.23 4.08 5.06
CA VAL A 291 -11.63 4.47 4.96
C VAL A 291 -11.69 5.72 4.03
N GLY A 292 -10.79 6.68 4.29
CA GLY A 292 -10.70 7.88 3.47
C GLY A 292 -10.48 7.52 2.00
N HIS A 293 -9.39 6.79 1.72
CA HIS A 293 -9.04 6.27 0.39
C HIS A 293 -10.22 5.72 -0.37
N GLU A 294 -10.91 4.73 0.23
CA GLU A 294 -12.00 4.10 -0.48
C GLU A 294 -13.15 5.09 -0.73
N TYR A 295 -13.38 6.02 0.19
CA TYR A 295 -14.41 7.02 -0.02
C TYR A 295 -13.96 7.96 -1.12
N PHE A 296 -12.69 8.38 -1.10
CA PHE A 296 -12.14 9.22 -2.18
C PHE A 296 -12.29 8.68 -3.63
N HIS A 297 -12.29 7.34 -3.73
CA HIS A 297 -12.44 6.65 -5.00
C HIS A 297 -13.75 6.96 -5.63
N ASN A 298 -14.73 7.31 -4.83
CA ASN A 298 -16.02 7.54 -5.41
C ASN A 298 -16.00 8.51 -6.60
N TRP A 299 -15.14 9.53 -6.50
CA TRP A 299 -14.87 10.41 -7.60
C TRP A 299 -13.66 10.00 -8.42
N THR A 300 -12.52 9.73 -7.76
CA THR A 300 -11.28 9.38 -8.46
C THR A 300 -11.21 7.87 -8.53
N GLY A 301 -11.98 7.37 -9.51
CA GLY A 301 -12.11 5.97 -9.79
C GLY A 301 -13.50 5.55 -10.18
N ASN A 302 -14.54 6.05 -9.52
CA ASN A 302 -15.87 5.54 -9.82
C ASN A 302 -16.58 6.48 -10.80
N ARG A 303 -16.62 7.76 -10.45
CA ARG A 303 -17.30 8.75 -11.30
C ARG A 303 -16.51 8.91 -12.58
N VAL A 304 -15.19 8.91 -12.40
CA VAL A 304 -14.23 8.78 -13.47
C VAL A 304 -13.34 7.53 -13.19
N THR A 305 -13.42 6.59 -14.10
CA THR A 305 -12.77 5.32 -14.02
C THR A 305 -11.65 5.21 -15.09
N CYS A 306 -11.16 3.99 -15.33
CA CYS A 306 -9.93 3.77 -16.08
C CYS A 306 -10.31 3.22 -17.43
N ARG A 307 -9.63 3.63 -18.50
CA ARG A 307 -9.99 3.09 -19.80
C ARG A 307 -9.57 1.60 -19.96
N ASP A 308 -8.47 1.24 -19.30
CA ASP A 308 -7.84 -0.06 -19.33
C ASP A 308 -6.94 -0.19 -18.09
N TRP A 309 -6.47 -1.40 -17.80
CA TRP A 309 -5.74 -1.61 -16.54
C TRP A 309 -4.38 -1.04 -16.51
N PHE A 310 -3.87 -0.72 -17.70
CA PHE A 310 -2.58 -0.05 -17.78
C PHE A 310 -2.70 1.30 -17.11
N GLN A 311 -3.92 1.84 -17.06
CA GLN A 311 -4.13 3.21 -16.48
C GLN A 311 -4.40 3.18 -14.96
N LEU A 312 -4.15 2.03 -14.33
CA LEU A 312 -4.53 1.85 -12.93
C LEU A 312 -4.10 2.99 -12.05
N SER A 313 -2.90 3.48 -12.24
CA SER A 313 -2.44 4.60 -11.39
C SER A 313 -3.24 5.93 -11.51
N LEU A 314 -3.92 6.15 -12.64
CA LEU A 314 -4.82 7.31 -12.74
C LEU A 314 -5.80 7.32 -11.59
N LYS A 315 -6.33 6.15 -11.18
CA LYS A 315 -7.14 6.13 -9.97
C LYS A 315 -6.32 5.92 -8.70
N GLU A 316 -5.29 5.05 -8.70
CA GLU A 316 -4.65 4.71 -7.42
C GLU A 316 -3.61 5.73 -6.99
N GLY A 317 -2.83 6.25 -7.90
CA GLY A 317 -1.89 7.31 -7.50
C GLY A 317 -2.59 8.55 -6.95
N LEU A 318 -3.65 8.92 -7.64
CA LEU A 318 -4.40 10.11 -7.30
C LEU A 318 -5.15 9.89 -5.99
N THR A 319 -5.70 8.69 -5.79
CA THR A 319 -6.49 8.41 -4.59
C THR A 319 -5.54 8.23 -3.40
N VAL A 320 -4.34 7.68 -3.59
CA VAL A 320 -3.39 7.60 -2.49
C VAL A 320 -2.94 9.03 -2.11
N PHE A 321 -2.73 9.88 -3.11
CA PHE A 321 -2.40 11.28 -2.84
C PHE A 321 -3.50 11.95 -1.96
N ARG A 322 -4.75 11.67 -2.36
CA ARG A 322 -5.92 12.13 -1.65
C ARG A 322 -5.94 11.64 -0.20
N ASP A 323 -5.76 10.33 0.00
CA ASP A 323 -5.80 9.83 1.37
C ASP A 323 -4.66 10.43 2.15
N GLN A 324 -3.49 10.62 1.51
CA GLN A 324 -2.32 11.20 2.25
C GLN A 324 -2.56 12.65 2.69
N GLU A 325 -3.18 13.40 1.78
CA GLU A 325 -3.58 14.77 2.07
C GLU A 325 -4.67 14.85 3.14
N PHE A 326 -5.62 13.93 3.11
CA PHE A 326 -6.64 13.85 4.15
C PHE A 326 -5.97 13.66 5.55
N SER A 327 -5.04 12.71 5.66
CA SER A 327 -4.42 12.37 6.93
C SER A 327 -3.52 13.51 7.37
N GLY A 328 -2.81 14.11 6.44
CA GLY A 328 -1.93 15.21 6.84
C GLY A 328 -2.73 16.41 7.34
N ASP A 329 -3.89 16.64 6.73
CA ASP A 329 -4.77 17.71 7.15
C ASP A 329 -5.38 17.43 8.50
N ARG A 330 -5.60 16.18 8.85
CA ARG A 330 -6.16 15.88 10.16
C ARG A 330 -5.13 16.13 11.25
N ALA A 331 -3.88 15.77 11.04
CA ALA A 331 -2.92 15.84 12.13
C ALA A 331 -1.52 15.50 11.65
N SER A 332 -0.51 16.14 12.28
CA SER A 332 0.90 15.75 12.16
C SER A 332 1.36 15.64 10.72
N ARG A 333 1.06 16.65 9.93
CA ARG A 333 1.41 16.63 8.53
C ARG A 333 2.85 16.22 8.18
N ALA A 334 3.83 16.91 8.75
CA ALA A 334 5.23 16.68 8.42
C ALA A 334 5.67 15.26 8.82
N VAL A 335 5.24 14.80 9.98
CA VAL A 335 5.61 13.48 10.46
C VAL A 335 5.04 12.43 9.54
N ARG A 336 3.83 12.68 9.06
CA ARG A 336 3.13 11.72 8.22
C ARG A 336 3.70 11.73 6.83
N ARG A 337 4.17 12.89 6.38
CA ARG A 337 4.90 12.96 5.10
C ARG A 337 6.13 12.10 5.12
N ILE A 338 6.91 12.21 6.18
CA ILE A 338 8.14 11.43 6.31
C ILE A 338 7.85 9.93 6.31
N GLU A 339 6.78 9.55 7.00
CA GLU A 339 6.40 8.19 7.08
C GLU A 339 6.15 7.70 5.64
N ASN A 340 5.44 8.51 4.85
CA ASN A 340 5.18 8.16 3.45
C ASN A 340 6.45 8.00 2.59
N ILE A 341 7.43 8.86 2.82
CA ILE A 341 8.68 8.86 2.10
C ILE A 341 9.48 7.61 2.43
N ARG A 342 9.57 7.34 3.72
CA ARG A 342 10.30 6.19 4.23
C ARG A 342 9.72 4.91 3.66
N LEU A 343 8.41 4.81 3.65
CA LEU A 343 7.77 3.66 3.04
C LEU A 343 8.16 3.58 1.57
N LEU A 344 8.15 4.71 0.87
CA LEU A 344 8.50 4.69 -0.53
C LEU A 344 9.91 4.24 -0.73
N ARG A 345 10.84 4.79 0.03
CA ARG A 345 12.25 4.40 -0.12
C ARG A 345 12.58 2.95 0.32
N GLN A 346 11.86 2.48 1.32
CA GLN A 346 12.08 1.15 1.82
C GLN A 346 11.45 0.03 0.97
N HIS A 347 10.43 0.30 0.18
CA HIS A 347 9.73 -0.76 -0.55
C HIS A 347 9.62 -0.47 -2.08
N GLN A 348 9.46 0.79 -2.47
CA GLN A 348 9.26 1.13 -3.87
C GLN A 348 10.56 1.17 -4.57
N PHE A 349 11.58 1.76 -3.94
CA PHE A 349 12.90 1.89 -4.54
C PHE A 349 13.48 0.51 -4.88
N PRO A 350 13.49 -0.45 -3.92
CA PRO A 350 13.98 -1.78 -4.23
C PRO A 350 13.22 -2.41 -5.42
N GLU A 351 11.94 -2.16 -5.50
CA GLU A 351 11.18 -2.54 -6.70
C GLU A 351 11.79 -1.97 -7.97
N ASP A 352 12.07 -0.67 -7.95
CA ASP A 352 12.42 0.06 -9.15
C ASP A 352 13.85 -0.37 -9.53
N ALA A 353 14.62 -0.85 -8.53
CA ALA A 353 16.02 -1.29 -8.76
C ALA A 353 16.09 -2.77 -9.12
N GLY A 354 14.96 -3.45 -9.08
CA GLY A 354 14.98 -4.90 -9.20
C GLY A 354 14.37 -5.48 -10.45
N PRO A 355 14.35 -6.83 -10.56
CA PRO A 355 13.87 -7.53 -11.75
C PRO A 355 12.45 -7.23 -12.19
N THR A 356 11.62 -6.77 -11.24
CA THR A 356 10.19 -6.57 -11.58
C THR A 356 9.89 -5.08 -11.80
N ALA A 357 10.92 -4.25 -11.89
CA ALA A 357 10.68 -2.80 -12.05
C ALA A 357 9.76 -2.50 -13.24
N HIS A 358 8.90 -1.51 -13.09
CA HIS A 358 7.96 -1.17 -14.15
C HIS A 358 7.64 0.30 -13.99
N PRO A 359 7.17 0.91 -15.08
CA PRO A 359 6.63 2.27 -15.10
C PRO A 359 5.34 2.36 -14.32
N VAL A 360 5.02 3.57 -13.92
CA VAL A 360 3.78 3.86 -13.24
C VAL A 360 2.61 3.52 -14.15
N ARG A 361 2.82 3.63 -15.46
CA ARG A 361 1.84 3.12 -16.42
C ARG A 361 2.47 2.03 -17.28
N PRO A 362 2.38 0.77 -16.86
CA PRO A 362 3.05 -0.30 -17.61
C PRO A 362 2.69 -0.28 -19.07
N ALA A 363 3.62 -0.70 -19.95
CA ALA A 363 3.30 -0.88 -21.34
C ALA A 363 2.81 -2.31 -21.62
N SER A 364 3.00 -3.23 -20.66
CA SER A 364 2.63 -4.62 -20.87
C SER A 364 2.51 -5.37 -19.54
N TYR A 365 1.73 -6.44 -19.54
CA TYR A 365 1.53 -7.26 -18.34
C TYR A 365 1.03 -8.64 -18.82
N GLU A 366 1.40 -9.69 -18.10
CA GLU A 366 0.78 -10.97 -18.29
C GLU A 366 -0.47 -11.13 -17.40
N GLU A 367 -0.32 -10.85 -16.09
CA GLU A 367 -1.44 -10.94 -15.15
C GLU A 367 -1.54 -9.63 -14.39
N ASN A 369 -3.08 -8.66 -11.79
CA ASN A 369 -3.00 -8.70 -10.32
C ASN A 369 -1.58 -8.56 -9.88
N ASN A 370 -0.59 -8.66 -10.78
CA ASN A 370 0.80 -8.45 -10.36
C ASN A 370 1.16 -6.95 -10.35
N PHE A 371 0.24 -6.08 -10.67
CA PHE A 371 0.64 -4.68 -10.86
C PHE A 371 -0.06 -3.73 -9.89
N TYR A 372 -0.58 -4.31 -8.80
CA TYR A 372 -1.10 -3.58 -7.65
C TYR A 372 0.03 -3.31 -6.72
N THR A 373 0.97 -2.48 -7.17
CA THR A 373 2.29 -2.38 -6.56
C THR A 373 2.60 -1.04 -5.97
N THR A 375 4.98 0.75 -6.80
CA THR A 375 5.26 1.69 -7.89
C THR A 375 3.96 2.40 -8.34
N VAL A 376 2.94 1.63 -8.69
CA VAL A 376 1.68 2.19 -9.18
C VAL A 376 0.96 3.07 -8.14
N TYR A 377 1.08 2.70 -6.85
CA TYR A 377 0.35 3.35 -5.80
C TYR A 377 1.18 4.51 -5.22
N GLU A 378 2.30 4.17 -4.60
CA GLU A 378 3.08 5.14 -3.82
C GLU A 378 3.89 6.05 -4.76
N LYS A 379 4.62 5.47 -5.71
CA LYS A 379 5.27 6.30 -6.74
C LYS A 379 4.23 7.06 -7.51
N GLY A 380 3.12 6.40 -7.82
CA GLY A 380 1.95 7.07 -8.33
C GLY A 380 1.52 8.35 -7.60
N ALA A 381 1.42 8.25 -6.27
CA ALA A 381 1.01 9.42 -5.49
C ALA A 381 2.11 10.52 -5.59
N GLU A 382 3.38 10.11 -5.58
CA GLU A 382 4.45 11.12 -5.70
C GLU A 382 4.40 11.93 -7.00
N VAL A 383 3.95 11.28 -8.08
CA VAL A 383 3.83 11.91 -9.37
C VAL A 383 2.70 12.89 -9.30
N VAL A 384 1.57 12.46 -8.81
CA VAL A 384 0.46 13.38 -8.62
C VAL A 384 0.90 14.58 -7.77
N ARG A 385 1.59 14.28 -6.69
CA ARG A 385 2.04 15.30 -5.79
C ARG A 385 2.93 16.36 -6.47
N TYR A 387 2.58 17.44 -9.52
CA TYR A 387 1.71 18.43 -10.17
C TYR A 387 1.37 19.51 -9.15
N HIS A 388 1.04 19.07 -7.93
CA HIS A 388 0.68 19.98 -6.86
C HIS A 388 1.86 20.92 -6.60
N THR A 389 3.05 20.35 -6.57
CA THR A 389 4.28 21.10 -6.37
C THR A 389 4.51 22.15 -7.48
N LEU A 390 4.43 21.78 -8.74
CA LEU A 390 4.57 22.71 -9.81
C LEU A 390 3.46 23.76 -9.88
N LEU A 391 2.24 23.44 -9.47
CA LEU A 391 1.12 24.34 -9.74
C LEU A 391 0.54 25.01 -8.56
N GLY A 392 0.94 24.61 -7.36
CA GLY A 392 0.31 25.12 -6.15
C GLY A 392 -1.11 24.58 -5.99
N GLU A 393 -1.61 24.61 -4.76
CA GLU A 393 -2.92 24.04 -4.49
C GLU A 393 -3.98 24.59 -5.44
N GLU A 394 -4.07 25.90 -5.60
CA GLU A 394 -5.16 26.48 -6.35
C GLU A 394 -5.11 26.02 -7.76
N GLY A 395 -3.93 26.07 -8.36
CA GLY A 395 -3.78 25.53 -9.71
C GLY A 395 -4.08 24.02 -9.81
N PHE A 396 -3.73 23.25 -8.78
CA PHE A 396 -4.05 21.85 -8.77
C PHE A 396 -5.57 21.63 -8.80
N GLN A 397 -6.30 22.39 -7.99
CA GLN A 397 -7.79 22.25 -7.94
C GLN A 397 -8.47 22.65 -9.26
N LYS A 398 -7.87 23.60 -9.97
CA LYS A 398 -8.32 23.91 -11.31
C LYS A 398 -8.19 22.75 -12.26
N GLY A 399 -7.07 22.03 -12.19
CA GLY A 399 -6.95 20.78 -12.99
C GLY A 399 -8.08 19.79 -12.67
N LYS A 401 -11.01 20.31 -11.31
CA LYS A 401 -12.29 20.75 -11.85
C LYS A 401 -12.45 20.43 -13.36
N LEU A 402 -11.43 20.71 -14.13
CA LEU A 402 -11.51 20.50 -15.55
C LEU A 402 -11.49 19.00 -15.88
N TYR A 403 -10.72 18.26 -15.09
CA TYR A 403 -10.76 16.79 -15.15
C TYR A 403 -12.20 16.27 -15.04
N PHE A 404 -12.92 16.66 -13.98
CA PHE A 404 -14.30 16.24 -13.83
C PHE A 404 -15.24 16.84 -14.85
N GLN A 405 -15.08 18.13 -15.17
CA GLN A 405 -15.86 18.76 -16.25
C GLN A 405 -15.74 17.94 -17.51
N ARG A 406 -14.52 17.59 -17.90
CA ARG A 406 -14.35 16.85 -19.14
C ARG A 406 -14.73 15.40 -19.00
N HIS A 407 -14.39 14.76 -17.90
CA HIS A 407 -14.43 13.33 -17.91
C HIS A 407 -15.41 12.59 -16.99
N ASP A 408 -16.34 13.29 -16.34
CA ASP A 408 -17.33 12.65 -15.49
C ASP A 408 -18.08 11.60 -16.28
N GLY A 409 -18.16 10.37 -15.77
CA GLY A 409 -18.88 9.33 -16.47
C GLY A 409 -18.05 8.64 -17.55
N GLN A 410 -16.76 8.98 -17.68
CA GLN A 410 -15.91 8.31 -18.62
C GLN A 410 -14.84 7.42 -17.98
N ALA A 411 -14.30 6.57 -18.85
CA ALA A 411 -13.17 5.70 -18.64
C ALA A 411 -11.94 6.27 -19.33
N VAL A 412 -11.00 6.86 -18.60
CA VAL A 412 -10.00 7.63 -19.23
C VAL A 412 -8.59 7.17 -18.94
N THR A 413 -7.58 7.97 -19.35
CA THR A 413 -6.15 7.59 -19.26
C THR A 413 -5.34 8.58 -18.44
N CYS A 414 -4.15 8.17 -18.08
CA CYS A 414 -3.21 9.08 -17.43
C CYS A 414 -2.91 10.35 -18.32
N ASP A 415 -2.93 10.19 -19.65
CA ASP A 415 -2.72 11.32 -20.58
C ASP A 415 -3.79 12.34 -20.38
N ASP A 416 -5.04 11.88 -20.34
CA ASP A 416 -6.19 12.74 -20.04
C ASP A 416 -6.02 13.54 -18.73
N PHE A 417 -5.47 12.93 -17.70
CA PHE A 417 -5.37 13.61 -16.46
C PHE A 417 -4.31 14.72 -16.57
N ARG A 418 -3.19 14.37 -17.20
CA ARG A 418 -2.13 15.29 -17.48
C ARG A 418 -2.67 16.47 -18.28
N ALA A 419 -3.45 16.18 -19.32
CA ALA A 419 -3.92 17.22 -20.20
C ALA A 419 -4.73 18.24 -19.44
N ALA A 420 -5.55 17.77 -18.51
CA ALA A 420 -6.40 18.64 -17.68
C ALA A 420 -5.58 19.52 -16.71
N ALA A 422 -2.63 20.36 -17.38
CA ALA A 422 -1.94 21.26 -18.32
C ALA A 422 -2.87 22.33 -18.89
N ASP A 423 -3.98 21.90 -19.45
CA ASP A 423 -4.93 22.87 -20.04
C ASP A 423 -5.55 23.85 -19.01
N ALA A 424 -5.91 23.37 -17.82
CA ALA A 424 -6.52 24.22 -16.83
C ALA A 424 -5.62 25.35 -16.34
N ASN A 425 -4.30 25.16 -16.47
CA ASN A 425 -3.36 26.17 -16.03
C ASN A 425 -2.55 26.81 -17.19
N GLY A 426 -2.95 26.55 -18.43
CA GLY A 426 -2.24 27.03 -19.62
C GLY A 426 -0.75 26.74 -19.74
N ILE A 427 -0.26 25.68 -19.09
CA ILE A 427 1.16 25.32 -19.04
C ILE A 427 1.40 24.06 -19.88
N ASN A 428 2.62 23.90 -20.39
CA ASN A 428 2.96 22.71 -21.15
C ASN A 428 3.59 21.66 -20.20
N LEU A 429 3.02 20.45 -20.20
CA LEU A 429 3.54 19.32 -19.42
C LEU A 429 3.77 18.09 -20.29
N ASP A 430 4.19 18.31 -21.54
CA ASP A 430 4.63 17.23 -22.41
C ASP A 430 5.72 16.37 -21.78
N GLN A 431 6.70 17.02 -21.17
CA GLN A 431 7.86 16.31 -20.68
C GLN A 431 7.44 15.50 -19.47
N PHE A 432 6.40 15.99 -18.79
CA PHE A 432 5.94 15.38 -17.56
C PHE A 432 5.45 13.94 -17.80
N ALA A 433 4.97 13.66 -19.00
CA ALA A 433 4.52 12.30 -19.37
C ALA A 433 5.54 11.18 -19.12
N LEU A 434 6.85 11.51 -19.08
CA LEU A 434 7.88 10.50 -18.85
C LEU A 434 7.79 9.90 -17.45
N TRP A 435 7.13 10.59 -16.51
CA TRP A 435 6.94 10.05 -15.18
C TRP A 435 6.00 8.82 -15.20
N TYR A 436 5.24 8.67 -16.27
CA TYR A 436 4.35 7.54 -16.42
C TYR A 436 4.94 6.40 -17.23
N SER A 437 5.90 6.74 -18.08
CA SER A 437 6.36 5.79 -19.07
C SER A 437 7.78 5.36 -18.80
N GLN A 438 8.55 6.14 -18.05
CA GLN A 438 9.88 5.70 -17.72
C GLN A 438 9.99 5.18 -16.32
N ALA A 439 10.38 3.89 -16.24
CA ALA A 439 10.70 3.25 -14.97
C ALA A 439 12.07 3.62 -14.42
N GLY A 440 12.28 3.29 -13.14
CA GLY A 440 13.56 3.46 -12.47
C GLY A 440 13.69 4.73 -11.63
N THR A 441 14.63 4.75 -10.70
CA THR A 441 14.74 5.90 -9.78
C THR A 441 15.79 6.83 -10.34
N PRO A 442 15.43 8.07 -10.67
CA PRO A 442 16.46 8.97 -11.14
C PRO A 442 17.43 9.35 -10.07
N VAL A 443 18.68 9.50 -10.50
CA VAL A 443 19.79 9.83 -9.68
C VAL A 443 20.30 11.23 -10.08
N LEU A 444 20.27 12.09 -9.09
CA LEU A 444 20.73 13.46 -9.23
C LEU A 444 22.10 13.53 -8.61
N GLU A 445 23.07 13.98 -9.41
CA GLU A 445 24.40 14.35 -8.93
C GLU A 445 24.50 15.87 -8.86
N ALA A 446 24.86 16.40 -7.69
CA ALA A 446 24.79 17.82 -7.45
C ALA A 446 26.06 18.48 -6.88
N GLU A 447 26.39 19.65 -7.40
CA GLU A 447 27.55 20.43 -6.93
C GLU A 447 27.09 21.83 -6.73
N GLY A 448 27.69 22.44 -5.69
CA GLY A 448 27.44 23.82 -5.30
C GLY A 448 28.71 24.65 -5.05
N ARG A 449 28.73 25.84 -5.65
CA ARG A 449 29.89 26.69 -5.57
C ARG A 449 29.44 28.10 -5.28
N LEU A 450 30.02 28.70 -4.25
CA LEU A 450 29.76 30.09 -3.98
C LEU A 450 30.89 30.98 -4.55
N LYS A 451 30.66 31.60 -5.69
CA LYS A 451 31.66 32.48 -6.31
C LYS A 451 31.02 33.82 -6.68
N ASN A 452 31.81 34.89 -6.53
CA ASN A 452 31.30 36.24 -6.37
C ASN A 452 30.26 36.19 -5.27
N ASN A 453 29.07 36.72 -5.51
CA ASN A 453 28.00 36.58 -4.53
C ASN A 453 26.90 35.64 -4.98
N ILE A 454 27.24 34.70 -5.85
CA ILE A 454 26.26 33.77 -6.35
C ILE A 454 26.59 32.40 -5.78
N PHE A 455 25.55 31.67 -5.41
CA PHE A 455 25.71 30.25 -5.11
C PHE A 455 25.35 29.51 -6.39
N GLU A 456 26.34 28.82 -6.96
CA GLU A 456 26.17 28.19 -8.26
C GLU A 456 25.88 26.68 -8.00
N LEU A 457 24.66 26.24 -8.32
CA LEU A 457 24.24 24.84 -8.05
C LEU A 457 24.05 24.07 -9.34
N THR A 458 25.03 23.22 -9.61
CA THR A 458 25.00 22.35 -10.77
C THR A 458 24.39 20.98 -10.44
N VAL A 459 23.53 20.52 -11.34
CA VAL A 459 22.67 19.39 -11.09
C VAL A 459 22.58 18.54 -12.34
N LYS A 460 22.89 17.28 -12.16
CA LYS A 460 22.90 16.31 -13.24
C LYS A 460 21.84 15.24 -12.93
N GLN A 461 21.18 14.70 -13.96
CA GLN A 461 20.26 13.55 -13.79
C GLN A 461 20.57 12.44 -14.80
N THR A 462 20.55 11.20 -14.31
CA THR A 462 20.46 10.01 -15.21
C THR A 462 19.34 9.19 -14.59
N VAL A 463 18.75 8.38 -15.44
CA VAL A 463 17.79 7.39 -15.06
C VAL A 463 18.34 6.09 -15.64
N PRO A 464 18.54 5.07 -14.80
CA PRO A 464 19.15 3.83 -15.30
C PRO A 464 18.23 3.04 -16.25
N PRO A 465 18.80 2.20 -17.09
CA PRO A 465 17.96 1.21 -17.77
C PRO A 465 17.18 0.33 -16.79
N THR A 466 16.01 -0.10 -17.17
CA THR A 466 15.28 -1.10 -16.40
C THR A 466 14.95 -2.24 -17.37
N PRO A 467 14.38 -3.36 -16.89
CA PRO A 467 14.27 -4.50 -17.87
C PRO A 467 13.33 -4.31 -19.02
N ASP A 468 12.35 -3.44 -18.86
CA ASP A 468 11.43 -3.07 -19.94
C ASP A 468 12.03 -2.08 -20.94
N THR A 470 15.71 0.34 -22.15
CA THR A 470 17.07 0.92 -21.96
C THR A 470 17.17 2.51 -22.07
N ASP A 471 16.57 3.08 -23.10
CA ASP A 471 16.61 4.52 -23.34
C ASP A 471 15.81 5.32 -22.30
N LYS A 472 16.48 6.23 -21.59
CA LYS A 472 15.79 7.11 -20.62
C LYS A 472 16.16 8.59 -20.83
N GLN A 473 15.21 9.39 -21.27
CA GLN A 473 15.47 10.79 -21.60
C GLN A 473 15.34 11.60 -20.34
N PRO A 474 15.90 12.81 -20.32
CA PRO A 474 15.79 13.56 -19.08
C PRO A 474 14.35 13.94 -18.74
N ILE A 477 12.02 17.53 -13.22
CA ILE A 477 12.25 17.18 -11.82
C ILE A 477 12.36 18.45 -10.95
N PRO A 478 11.33 18.73 -10.13
CA PRO A 478 11.41 19.92 -9.28
C PRO A 478 12.26 19.60 -8.11
N VAL A 479 13.17 20.53 -7.77
CA VAL A 479 14.03 20.42 -6.60
C VAL A 479 13.89 21.66 -5.75
N LYS A 480 13.38 21.47 -4.54
CA LYS A 480 13.13 22.56 -3.67
C LYS A 480 14.38 22.79 -2.85
N VAL A 481 14.77 24.05 -2.68
CA VAL A 481 16.06 24.34 -2.04
C VAL A 481 16.04 25.52 -1.10
N GLY A 482 16.84 25.37 -0.05
CA GLY A 482 17.17 26.46 0.82
C GLY A 482 18.67 26.52 1.03
N LEU A 483 19.09 27.54 1.79
CA LEU A 483 20.47 27.72 2.27
C LEU A 483 20.51 28.07 3.75
N LEU A 484 21.53 27.55 4.41
CA LEU A 484 21.80 27.93 5.79
C LEU A 484 23.23 28.46 5.98
N ASN A 485 23.37 29.46 6.85
CA ASN A 485 24.72 29.96 7.23
C ASN A 485 25.32 29.09 8.33
N ARG A 486 26.54 29.46 8.73
CA ARG A 486 27.36 28.70 9.67
C ARG A 486 26.67 28.53 11.03
N ASN A 487 25.72 29.40 11.29
CA ASN A 487 24.92 29.38 12.51
C ASN A 487 23.59 28.71 12.26
N GLY A 488 23.35 28.33 11.02
CA GLY A 488 22.20 27.53 10.66
C GLY A 488 20.95 28.30 10.28
N GLU A 489 20.95 29.64 10.25
CA GLU A 489 19.69 30.33 9.93
C GLU A 489 19.49 30.43 8.44
N ALA A 490 18.23 30.55 8.05
CA ALA A 490 17.83 30.77 6.68
C ALA A 490 18.66 31.87 6.03
N VAL A 491 18.85 31.79 4.72
CA VAL A 491 19.56 32.81 3.98
C VAL A 491 18.79 33.12 2.71
N ALA A 492 18.63 34.39 2.38
CA ALA A 492 17.85 34.75 1.19
C ALA A 492 18.76 34.77 0.00
N PHE A 493 18.16 34.67 -1.16
CA PHE A 493 18.90 34.65 -2.39
C PHE A 493 17.97 35.13 -3.47
N ASP A 494 18.49 35.41 -4.64
CA ASP A 494 17.68 35.90 -5.71
C ASP A 494 17.55 34.86 -6.75
N TYR A 495 16.33 34.44 -7.01
CA TYR A 495 16.11 33.48 -8.07
C TYR A 495 14.90 33.86 -8.83
N GLN A 496 15.07 33.87 -10.13
CA GLN A 496 14.03 34.20 -11.07
C GLN A 496 13.28 35.46 -10.73
N GLY A 497 14.01 36.48 -10.33
CA GLY A 497 13.39 37.75 -10.03
C GLY A 497 13.25 37.98 -8.56
N LYS A 498 12.66 37.02 -7.88
CA LYS A 498 12.26 37.23 -6.52
C LYS A 498 13.40 37.05 -5.57
N ARG A 499 13.27 37.62 -4.40
CA ARG A 499 14.22 37.41 -3.36
C ARG A 499 13.43 36.67 -2.33
N ALA A 500 13.76 35.42 -2.12
CA ALA A 500 13.00 34.57 -1.20
C ALA A 500 13.96 33.76 -0.40
N THR A 501 13.44 33.02 0.56
CA THR A 501 14.30 32.15 1.34
C THR A 501 14.25 30.67 0.91
N GLU A 502 13.49 30.38 -0.17
CA GLU A 502 13.28 29.05 -0.65
C GLU A 502 12.77 29.09 -2.09
N ALA A 503 13.22 28.13 -2.90
CA ALA A 503 12.70 28.04 -4.26
C ALA A 503 12.64 26.62 -4.80
N VAL A 504 11.83 26.49 -5.83
CA VAL A 504 11.73 25.28 -6.60
C VAL A 504 12.51 25.37 -7.90
N LEU A 505 13.64 24.68 -7.98
CA LEU A 505 14.47 24.73 -9.20
C LEU A 505 14.05 23.60 -10.09
N LEU A 506 13.70 23.93 -11.31
CA LEU A 506 13.08 23.01 -12.19
C LEU A 506 14.04 22.38 -13.18
N LEU A 507 14.58 21.23 -12.80
CA LEU A 507 15.54 20.54 -13.68
C LEU A 507 14.78 19.83 -14.78
N THR A 508 15.08 20.16 -16.03
CA THR A 508 14.47 19.55 -17.19
C THR A 508 15.51 18.96 -18.16
N GLU A 509 16.80 19.14 -17.89
CA GLU A 509 17.83 18.67 -18.79
C GLU A 509 18.78 17.71 -18.11
N ALA A 510 19.66 17.12 -18.91
CA ALA A 510 20.64 16.17 -18.40
C ALA A 510 21.54 16.82 -17.36
N GLU A 511 21.84 18.08 -17.58
CA GLU A 511 22.64 18.86 -16.64
C GLU A 511 22.28 20.36 -16.74
N GLN A 512 22.14 21.03 -15.59
CA GLN A 512 21.85 22.46 -15.55
C GLN A 512 22.60 23.05 -14.38
N THR A 513 22.85 24.36 -14.49
CA THR A 513 23.32 25.12 -13.37
C THR A 513 22.27 26.15 -12.99
N PHE A 514 22.08 26.28 -11.69
CA PHE A 514 21.13 27.21 -11.16
C PHE A 514 21.89 28.26 -10.37
N LEU A 515 21.60 29.52 -10.66
CA LEU A 515 22.26 30.65 -10.01
C LEU A 515 21.34 31.32 -9.00
N LEU A 516 21.70 31.20 -7.72
CA LEU A 516 20.97 31.82 -6.63
C LEU A 516 21.82 32.99 -6.19
N GLU A 517 21.46 34.16 -6.68
CA GLU A 517 22.34 35.34 -6.60
C GLU A 517 22.09 36.07 -5.29
N GLY A 518 22.97 36.99 -4.92
CA GLY A 518 22.79 37.78 -3.70
C GLY A 518 23.19 37.11 -2.40
N VAL A 519 24.06 36.11 -2.46
CA VAL A 519 24.50 35.46 -1.22
C VAL A 519 25.73 36.15 -0.69
N THR A 520 25.68 36.52 0.60
CA THR A 520 26.76 37.23 1.29
C THR A 520 27.10 36.57 2.63
N GLU A 521 27.00 35.25 2.65
CA GLU A 521 27.51 34.45 3.76
C GLU A 521 28.05 33.15 3.22
N ALA A 522 28.89 32.47 4.00
CA ALA A 522 29.18 31.07 3.72
C ALA A 522 27.85 30.29 3.94
N VAL A 523 27.44 29.50 2.94
CA VAL A 523 26.18 28.74 3.01
C VAL A 523 26.31 27.26 2.71
N VAL A 524 25.44 26.48 3.37
CA VAL A 524 25.23 25.05 3.11
C VAL A 524 23.84 24.94 2.55
N PRO A 525 23.66 24.33 1.38
CA PRO A 525 22.32 24.20 0.83
C PRO A 525 21.55 23.00 1.44
N SER A 526 20.25 23.22 1.53
CA SER A 526 19.27 22.20 1.84
C SER A 526 18.53 21.85 0.56
N LEU A 527 18.47 20.56 0.22
CA LEU A 527 18.02 20.16 -1.12
C LEU A 527 16.92 19.15 -1.13
N LEU A 528 16.02 19.31 -2.09
CA LEU A 528 14.89 18.39 -2.25
C LEU A 528 14.00 18.46 -1.01
N ARG A 529 13.67 19.67 -0.59
CA ARG A 529 12.84 19.87 0.57
C ARG A 529 11.46 19.31 0.34
N GLY A 530 10.96 18.62 1.34
CA GLY A 530 9.64 18.02 1.28
C GLY A 530 9.67 16.78 0.43
N PHE A 531 10.88 16.25 0.18
CA PHE A 531 11.14 15.21 -0.82
C PHE A 531 10.46 15.64 -2.11
N SER A 532 10.99 16.69 -2.75
CA SER A 532 10.24 17.40 -3.81
C SER A 532 10.05 16.59 -5.07
N ALA A 533 10.83 15.53 -5.20
CA ALA A 533 10.69 14.58 -6.32
C ALA A 533 11.27 13.21 -5.93
N PRO A 534 10.75 12.10 -6.51
CA PRO A 534 11.12 10.76 -6.01
C PRO A 534 12.44 10.23 -6.64
N VAL A 535 13.57 10.65 -6.07
CA VAL A 535 14.89 10.52 -6.68
C VAL A 535 15.92 10.28 -5.56
N HIS A 536 17.09 9.77 -5.92
CA HIS A 536 18.26 9.79 -5.07
C HIS A 536 19.03 11.04 -5.37
N LEU A 537 19.36 11.82 -4.36
CA LEU A 537 20.26 12.91 -4.55
C LEU A 537 21.53 12.68 -3.77
N ASN A 538 22.66 12.84 -4.47
CA ASN A 538 23.97 12.87 -3.88
C ASN A 538 24.53 14.27 -3.94
N TYR A 539 24.98 14.73 -2.80
CA TYR A 539 25.63 15.99 -2.69
C TYR A 539 26.78 15.73 -1.74
N PRO A 540 27.92 16.42 -1.90
CA PRO A 540 29.06 16.00 -1.13
C PRO A 540 29.06 16.76 0.18
N TYR A 541 28.31 16.26 1.15
CA TYR A 541 28.16 16.95 2.44
C TYR A 541 29.17 16.38 3.43
N SER A 542 29.79 17.26 4.20
CA SER A 542 30.60 16.83 5.32
C SER A 542 29.69 16.32 6.43
N ASP A 543 30.25 15.54 7.33
CA ASP A 543 29.50 15.13 8.49
C ASP A 543 29.04 16.39 9.18
N ASP A 544 29.94 17.35 9.25
CA ASP A 544 29.61 18.59 9.92
C ASP A 544 28.45 19.30 9.24
N ASP A 545 28.41 19.20 7.92
CA ASP A 545 27.32 19.76 7.15
C ASP A 545 26.00 19.09 7.57
N LEU A 546 26.06 17.78 7.78
CA LEU A 546 24.87 17.00 8.11
C LEU A 546 24.43 17.37 9.52
N LEU A 547 25.39 17.40 10.45
CA LEU A 547 25.10 17.79 11.84
C LEU A 547 24.43 19.12 11.87
N LEU A 548 24.85 20.00 10.98
CA LEU A 548 24.23 21.31 10.93
C LEU A 548 22.81 21.22 10.45
N LEU A 549 22.63 20.65 9.27
CA LEU A 549 21.29 20.47 8.72
C LEU A 549 20.34 19.89 9.76
N LEU A 550 20.82 18.86 10.44
CA LEU A 550 20.00 18.16 11.41
C LEU A 550 19.55 19.09 12.54
N ALA A 551 20.51 19.82 13.13
CA ALA A 551 20.25 20.68 14.28
C ALA A 551 19.42 21.87 13.92
N HIS A 552 19.48 22.34 12.68
CA HIS A 552 19.02 23.69 12.42
C HIS A 552 18.11 23.86 11.22
N ASP A 553 17.95 22.86 10.37
CA ASP A 553 17.21 23.10 9.13
C ASP A 553 15.72 23.18 9.35
N SER A 554 15.08 24.03 8.57
CA SER A 554 13.69 24.30 8.76
C SER A 554 12.78 23.25 8.11
N ASP A 555 13.23 22.41 7.18
CA ASP A 555 12.32 21.43 6.52
C ASP A 555 12.50 20.05 7.13
N ALA A 556 11.41 19.45 7.53
CA ALA A 556 11.40 18.15 8.23
C ALA A 556 12.14 17.03 7.49
N PHE A 557 11.86 16.91 6.19
CA PHE A 557 12.50 15.89 5.43
C PHE A 557 14.00 16.08 5.43
N THR A 558 14.44 17.26 5.04
CA THR A 558 15.87 17.45 4.93
C THR A 558 16.55 17.19 6.28
N ARG A 559 15.93 17.55 7.39
CA ARG A 559 16.58 17.28 8.66
C ARG A 559 16.71 15.75 8.86
N TRP A 560 15.59 15.05 8.61
CA TRP A 560 15.53 13.60 8.72
C TRP A 560 16.51 12.94 7.79
N GLU A 561 16.64 13.44 6.56
CA GLU A 561 17.52 12.79 5.57
C GLU A 561 18.97 12.86 6.00
N ALA A 562 19.30 13.95 6.66
CA ALA A 562 20.61 14.17 7.20
C ALA A 562 20.93 13.15 8.28
N ALA A 563 19.99 12.86 9.16
CA ALA A 563 20.22 11.80 10.16
C ALA A 563 20.31 10.43 9.48
N GLN A 564 19.41 10.19 8.52
CA GLN A 564 19.46 8.97 7.75
C GLN A 564 20.82 8.85 7.15
N THR A 565 21.39 9.95 6.67
CA THR A 565 22.69 9.88 6.00
C THR A 565 23.84 9.55 6.96
N LEU A 566 23.77 10.06 8.18
CA LEU A 566 24.78 9.74 9.21
C LEU A 566 24.68 8.27 9.61
N TYR A 567 23.46 7.79 9.75
CA TYR A 567 23.27 6.41 10.10
C TYR A 567 23.85 5.56 9.03
N ARG A 568 23.60 5.96 7.79
CA ARG A 568 24.05 5.23 6.64
C ARG A 568 25.58 5.20 6.59
N ARG A 569 26.20 6.34 6.79
CA ARG A 569 27.66 6.37 6.84
C ARG A 569 28.25 5.55 7.98
N ALA A 570 27.52 5.44 9.10
CA ALA A 570 28.04 4.71 10.25
C ALA A 570 28.01 3.21 9.95
N VAL A 571 26.92 2.80 9.30
CA VAL A 571 26.80 1.38 8.91
C VAL A 571 27.88 1.00 7.92
N ALA A 572 28.20 1.92 7.01
CA ALA A 572 29.23 1.64 6.04
C ALA A 572 30.52 1.51 6.80
N ALA A 573 30.78 2.39 7.75
CA ALA A 573 31.98 2.25 8.56
C ALA A 573 32.00 0.89 9.29
N ASN A 574 30.86 0.47 9.80
CA ASN A 574 30.79 -0.82 10.50
C ASN A 574 31.11 -1.93 9.54
N LEU A 575 30.59 -1.89 8.33
CA LEU A 575 30.85 -3.02 7.44
C LEU A 575 32.34 -3.16 7.22
N ALA A 576 33.06 -2.03 7.15
CA ALA A 576 34.52 -2.04 6.89
C ALA A 576 35.29 -2.80 7.98
N THR A 577 35.11 -2.38 9.23
CA THR A 577 35.90 -2.95 10.31
C THR A 577 35.65 -4.42 10.53
N LEU A 578 34.37 -4.80 10.54
CA LEU A 578 33.94 -6.19 10.71
C LEU A 578 34.53 -7.02 9.60
N SER A 579 34.60 -6.42 8.43
CA SER A 579 35.21 -7.04 7.26
C SER A 579 36.73 -7.13 7.47
N ASP A 580 37.36 -6.12 8.07
CA ASP A 580 38.81 -6.23 8.43
C ASP A 580 39.12 -7.08 9.63
N GLY A 581 38.08 -7.49 10.37
CA GLY A 581 38.22 -8.12 11.67
C GLY A 581 38.76 -7.23 12.79
N VAL A 582 38.47 -5.92 12.76
CA VAL A 582 38.97 -4.98 13.78
C VAL A 582 37.81 -4.45 14.62
N GLU A 583 38.13 -3.79 15.73
CA GLU A 583 37.15 -3.10 16.60
C GLU A 583 36.17 -2.23 15.78
N LEU A 584 34.97 -1.98 16.31
CA LEU A 584 34.01 -1.07 15.65
C LEU A 584 34.51 0.38 15.69
N PRO A 585 34.08 1.20 14.74
CA PRO A 585 34.40 2.64 14.80
C PRO A 585 33.74 3.30 15.99
N LYS A 586 34.19 4.49 16.32
CA LYS A 586 33.63 5.19 17.47
C LYS A 586 32.46 6.08 17.13
N HIS A 587 32.20 6.31 15.84
CA HIS A 587 31.00 7.07 15.45
C HIS A 587 30.81 8.29 16.33
N GLU A 588 31.91 8.90 16.74
CA GLU A 588 31.85 9.97 17.71
C GLU A 588 30.90 11.14 17.32
N LYS A 589 30.94 11.59 16.08
CA LYS A 589 30.00 12.65 15.65
C LYS A 589 28.55 12.21 15.66
N LEU A 590 28.31 10.99 15.20
CA LEU A 590 26.96 10.47 15.21
C LEU A 590 26.37 10.55 16.63
N LEU A 591 27.15 9.99 17.58
CA LEU A 591 26.73 9.86 18.96
C LEU A 591 26.48 11.23 19.52
N ALA A 592 27.33 12.15 19.14
CA ALA A 592 27.11 13.54 19.48
C ALA A 592 25.74 13.96 18.96
N ALA A 593 25.43 13.69 17.69
CA ALA A 593 24.15 14.13 17.14
C ALA A 593 22.94 13.46 17.76
N VAL A 594 23.04 12.15 18.02
CA VAL A 594 21.94 11.44 18.65
C VAL A 594 21.68 12.07 20.02
N GLU A 595 22.73 12.23 20.80
CA GLU A 595 22.60 12.91 22.09
C GLU A 595 21.79 14.23 21.99
N LYS A 596 22.10 15.06 21.01
CA LYS A 596 21.38 16.34 20.84
C LYS A 596 19.93 16.14 20.43
N VAL A 597 19.65 15.04 19.74
CA VAL A 597 18.28 14.69 19.46
C VAL A 597 17.65 14.18 20.73
N ILE A 598 18.26 13.21 21.36
CA ILE A 598 17.64 12.69 22.57
C ILE A 598 17.29 13.81 23.55
N SER A 599 18.22 14.71 23.76
CA SER A 599 18.07 15.74 24.76
C SER A 599 17.25 16.96 24.34
N ASP A 600 17.05 17.19 23.04
CA ASP A 600 16.33 18.38 22.63
C ASP A 600 14.87 18.16 22.94
N ASP A 601 14.32 18.99 23.79
CA ASP A 601 12.95 18.84 24.25
C ASP A 601 12.03 19.75 23.48
N LEU A 602 12.54 20.39 22.44
CA LEU A 602 11.72 21.21 21.59
C LEU A 602 11.36 20.48 20.31
N LEU A 603 11.73 19.21 20.23
CA LEU A 603 11.41 18.39 19.07
C LEU A 603 10.09 17.74 19.27
N ASP A 604 9.21 17.86 18.29
CA ASP A 604 8.03 17.01 18.24
C ASP A 604 8.33 15.53 18.60
N ASN A 605 7.47 14.94 19.40
CA ASN A 605 7.78 13.61 19.90
C ASN A 605 7.88 12.53 18.80
N ALA A 606 7.01 12.60 17.82
CA ALA A 606 6.97 11.61 16.77
C ALA A 606 8.10 11.84 15.83
N PHE A 607 8.43 13.11 15.60
CA PHE A 607 9.52 13.43 14.71
C PHE A 607 10.85 12.94 15.34
N LYS A 608 10.94 13.14 16.64
CA LYS A 608 12.09 12.67 17.39
C LYS A 608 12.29 11.17 17.19
N ALA A 609 11.19 10.47 17.29
CA ALA A 609 11.17 9.03 17.08
C ALA A 609 11.70 8.64 15.71
N LEU A 610 11.27 9.36 14.65
CA LEU A 610 11.78 9.07 13.30
C LEU A 610 13.29 9.41 13.19
N LEU A 611 13.70 10.53 13.78
CA LEU A 611 15.13 10.80 13.82
C LEU A 611 15.95 9.70 14.50
N LEU A 612 15.35 8.86 15.33
CA LEU A 612 16.09 7.79 16.00
C LEU A 612 15.98 6.44 15.31
N GLY A 613 15.35 6.42 14.13
CA GLY A 613 15.17 5.22 13.34
C GLY A 613 16.33 5.07 12.36
N VAL A 614 16.83 3.86 12.26
CA VAL A 614 17.95 3.53 11.41
C VAL A 614 17.41 2.88 10.13
N PRO A 615 17.92 3.30 8.95
CA PRO A 615 17.49 2.74 7.68
C PRO A 615 17.58 1.20 7.67
N SER A 616 16.71 0.56 6.91
CA SER A 616 16.67 -0.90 6.87
C SER A 616 17.80 -1.47 6.06
N GLU A 617 18.03 -2.76 6.26
CA GLU A 617 18.96 -3.51 5.47
C GLU A 617 18.72 -3.28 3.95
N ALA A 618 17.48 -3.37 3.46
CA ALA A 618 17.30 -3.10 1.99
C ALA A 618 17.83 -1.69 1.60
N GLU A 619 17.59 -0.67 2.41
CA GLU A 619 18.17 0.64 2.11
C GLU A 619 19.68 0.64 2.17
N LEU A 620 20.27 -0.14 3.06
CA LEU A 620 21.69 -0.08 3.22
C LEU A 620 22.39 -0.80 2.10
N TRP A 621 21.78 -1.84 1.53
CA TRP A 621 22.37 -2.53 0.36
C TRP A 621 21.94 -2.03 -0.98
N ASP A 622 21.27 -0.90 -0.97
CA ASP A 622 20.84 -0.32 -2.25
C ASP A 622 22.02 -0.17 -3.20
N GLY A 623 21.89 -0.58 -4.46
CA GLY A 623 22.97 -0.40 -5.40
C GLY A 623 24.19 -1.30 -5.28
N ALA A 624 24.25 -2.18 -4.30
CA ALA A 624 25.40 -3.05 -4.15
C ALA A 624 25.24 -4.29 -4.99
N GLU A 625 26.37 -4.92 -5.26
CA GLU A 625 26.40 -6.23 -5.94
C GLU A 625 27.03 -7.26 -4.98
N ASN A 626 26.75 -8.52 -5.23
CA ASN A 626 27.30 -9.61 -4.48
C ASN A 626 27.00 -9.52 -2.98
N ILE A 627 25.74 -9.32 -2.66
CA ILE A 627 25.31 -9.03 -1.32
C ILE A 627 25.23 -10.30 -0.49
N ASP A 628 25.88 -10.26 0.66
CA ASP A 628 25.63 -11.14 1.74
C ASP A 628 24.70 -10.42 2.74
N PRO A 629 23.41 -10.77 2.73
CA PRO A 629 22.51 -9.94 3.56
C PRO A 629 22.81 -9.99 5.04
N LEU A 630 23.31 -11.13 5.53
CA LEU A 630 23.69 -11.24 6.92
C LEU A 630 24.81 -10.27 7.34
N ARG A 631 25.74 -9.98 6.42
CA ARG A 631 26.82 -9.05 6.78
C ARG A 631 26.19 -7.67 6.87
N TYR A 632 25.24 -7.30 6.02
CA TYR A 632 24.56 -6.00 6.22
C TYR A 632 23.78 -5.99 7.53
N HIS A 633 23.19 -7.16 7.81
CA HIS A 633 22.39 -7.32 9.02
C HIS A 633 23.26 -7.18 10.25
N GLN A 634 24.45 -7.77 10.25
CA GLN A 634 25.35 -7.77 11.42
C GLN A 634 25.86 -6.32 11.62
N ALA A 635 26.16 -5.61 10.54
CA ALA A 635 26.54 -4.20 10.64
C ALA A 635 25.45 -3.31 11.27
N ARG A 636 24.22 -3.49 10.80
CA ARG A 636 23.08 -2.75 11.30
C ARG A 636 22.88 -3.07 12.78
N GLU A 637 22.75 -4.36 13.09
CA GLU A 637 22.64 -4.78 14.49
C GLU A 637 23.72 -4.15 15.40
N ALA A 638 24.95 -4.09 14.94
CA ALA A 638 26.04 -3.48 15.72
C ALA A 638 25.84 -2.01 16.03
N LEU A 639 25.37 -1.27 15.06
CA LEU A 639 25.03 0.11 15.29
C LEU A 639 23.97 0.19 16.38
N LEU A 640 22.90 -0.57 16.23
CA LEU A 640 21.79 -0.43 17.16
C LEU A 640 22.29 -0.81 18.57
N ASP A 641 23.12 -1.84 18.65
CA ASP A 641 23.63 -2.24 19.96
C ASP A 641 24.47 -1.14 20.58
N THR A 642 25.21 -0.44 19.75
CA THR A 642 26.04 0.70 20.21
C THR A 642 25.15 1.84 20.67
N LEU A 643 24.17 2.19 19.86
CA LEU A 643 23.21 3.20 20.29
C LEU A 643 22.49 2.81 21.56
N ALA A 644 22.16 1.53 21.68
CA ALA A 644 21.38 1.06 22.85
C ALA A 644 22.21 1.12 24.12
N VAL A 645 23.46 0.63 24.06
CA VAL A 645 24.27 0.50 25.22
C VAL A 645 24.78 1.87 25.54
N HIS A 646 25.20 2.59 24.52
CA HIS A 646 25.86 3.85 24.78
C HIS A 646 24.91 4.75 25.53
N PHE A 647 23.68 4.85 25.10
CA PHE A 647 22.70 5.77 25.74
C PHE A 647 21.69 5.14 26.70
N LEU A 648 21.94 3.93 27.18
CA LEU A 648 20.97 3.18 27.96
C LEU A 648 20.22 4.03 29.02
N PRO A 649 20.94 4.78 29.86
CA PRO A 649 20.16 5.52 30.88
C PRO A 649 19.35 6.69 30.32
N LYS A 650 19.79 7.27 29.23
CA LYS A 650 18.97 8.29 28.59
C LYS A 650 17.74 7.67 27.93
N TRP A 651 17.83 6.41 27.51
CA TRP A 651 16.68 5.71 26.98
C TRP A 651 15.62 5.53 28.10
N HIS A 652 16.07 5.23 29.31
CA HIS A 652 15.07 5.11 30.42
C HIS A 652 14.40 6.46 30.73
N GLU A 653 15.18 7.52 30.80
CA GLU A 653 14.65 8.86 31.04
C GLU A 653 13.69 9.36 29.98
N LEU A 654 14.03 9.16 28.73
CA LEU A 654 13.10 9.49 27.65
C LEU A 654 11.78 8.70 27.86
N ASN A 655 11.93 7.42 28.16
CA ASN A 655 10.79 6.58 28.38
C ASN A 655 9.90 7.20 29.45
N ARG A 656 10.54 7.56 30.56
CA ARG A 656 9.83 8.08 31.69
C ARG A 656 9.20 9.44 31.38
N GLN A 657 9.90 10.30 30.65
CA GLN A 657 9.25 11.55 30.24
C GLN A 657 8.02 11.28 29.38
N ALA A 658 8.14 10.32 28.49
CA ALA A 658 7.03 9.97 27.62
C ALA A 658 5.86 9.36 28.38
N ALA A 659 6.13 8.47 29.32
CA ALA A 659 5.08 7.94 30.16
C ALA A 659 4.38 9.09 30.86
N LYS A 660 5.17 10.01 31.37
CA LYS A 660 4.60 11.07 32.19
C LYS A 660 3.71 11.94 31.30
N GLN A 661 4.16 12.21 30.08
CA GLN A 661 3.39 13.02 29.14
C GLN A 661 2.13 12.37 28.65
N GLU A 662 2.19 11.07 28.38
CA GLU A 662 1.02 10.33 27.98
C GLU A 662 -0.14 10.56 28.91
N ASN A 663 0.11 10.47 30.21
CA ASN A 663 -0.87 10.85 31.20
C ASN A 663 -2.08 9.96 31.23
N GLN A 664 -1.89 8.66 31.15
CA GLN A 664 -3.02 7.73 31.19
C GLN A 664 -4.14 8.01 30.15
N SER A 665 -3.78 8.58 29.02
CA SER A 665 -4.75 8.84 27.97
C SER A 665 -4.63 7.72 26.93
N TYR A 666 -5.28 6.61 27.24
CA TYR A 666 -4.95 5.36 26.56
C TYR A 666 -5.67 5.21 25.18
N GLU A 667 -6.70 6.02 24.98
CA GLU A 667 -7.43 6.01 23.75
C GLU A 667 -6.57 6.64 22.66
N TYR A 668 -6.90 6.29 21.41
CA TYR A 668 -6.21 6.86 20.27
C TYR A 668 -6.40 8.39 20.21
N SER A 669 -5.32 9.12 20.08
CA SER A 669 -5.33 10.51 19.67
C SER A 669 -3.95 10.79 19.08
N PRO A 670 -3.87 11.65 18.07
CA PRO A 670 -2.53 11.90 17.53
C PRO A 670 -1.52 12.31 18.63
N GLU A 671 -1.93 13.19 19.52
CA GLU A 671 -1.11 13.69 20.66
C GLU A 671 -0.59 12.55 21.57
N ALA A 672 -1.51 11.74 22.03
CA ALA A 672 -1.11 10.61 22.86
C ALA A 672 -0.27 9.62 22.06
N ALA A 673 -0.60 9.43 20.79
CA ALA A 673 0.07 8.45 20.02
C ALA A 673 1.52 8.81 19.87
N GLY A 674 1.80 10.09 19.74
CA GLY A 674 3.18 10.55 19.59
C GLY A 674 4.08 10.15 20.75
N TRP A 675 3.54 10.26 21.94
CA TRP A 675 4.30 9.91 23.15
C TRP A 675 4.56 8.42 23.16
N ARG A 676 3.53 7.65 22.81
CA ARG A 676 3.70 6.20 22.77
C ARG A 676 4.71 5.77 21.72
N THR A 677 4.68 6.42 20.56
CA THR A 677 5.66 6.08 19.52
C THR A 677 7.10 6.19 20.09
N LEU A 678 7.33 7.26 20.83
CA LEU A 678 8.67 7.54 21.37
C LEU A 678 9.02 6.54 22.48
N ARG A 679 8.04 6.29 23.34
CA ARG A 679 8.19 5.31 24.41
C ARG A 679 8.50 3.92 23.86
N ASN A 680 7.97 3.60 22.68
CA ASN A 680 8.23 2.30 22.12
C ASN A 680 9.60 2.20 21.50
N VAL A 681 10.15 3.33 21.02
CA VAL A 681 11.52 3.37 20.54
C VAL A 681 12.53 3.16 21.67
N CYS A 682 12.27 3.77 22.81
CA CYS A 682 13.10 3.57 24.04
C CYS A 682 13.02 2.10 24.54
N ARG A 683 11.84 1.53 24.53
CA ARG A 683 11.72 0.17 24.99
C ARG A 683 12.57 -0.75 24.13
N ALA A 684 12.61 -0.51 22.82
CA ALA A 684 13.41 -1.35 21.96
C ALA A 684 14.89 -1.24 22.26
N PHE A 685 15.41 -0.04 22.45
CA PHE A 685 16.82 0.16 22.82
C PHE A 685 17.19 -0.40 24.18
N VAL A 686 16.33 -0.21 25.17
CA VAL A 686 16.56 -0.72 26.51
C VAL A 686 16.71 -2.23 26.50
N LEU A 687 15.82 -2.90 25.79
CA LEU A 687 15.88 -4.37 25.77
C LEU A 687 16.93 -4.90 24.86
N ARG A 688 17.55 -4.03 24.04
CA ARG A 688 18.81 -4.44 23.37
C ARG A 688 19.95 -4.43 24.37
N ALA A 689 20.12 -3.34 25.08
CA ALA A 689 21.24 -3.18 26.00
C ALA A 689 21.17 -4.12 27.21
N ASP A 690 19.95 -4.37 27.69
CA ASP A 690 19.69 -5.06 28.93
C ASP A 690 18.55 -5.99 28.75
N PRO A 691 18.79 -7.10 28.06
CA PRO A 691 17.74 -8.15 27.91
C PRO A 691 17.15 -8.62 29.25
N ALA A 692 17.96 -8.67 30.31
CA ALA A 692 17.41 -9.05 31.63
C ALA A 692 16.27 -8.19 32.11
N HIS A 693 16.12 -6.97 31.62
CA HIS A 693 15.00 -6.11 32.02
C HIS A 693 13.66 -6.70 31.65
N ILE A 694 13.65 -7.66 30.74
CA ILE A 694 12.41 -8.38 30.48
C ILE A 694 11.72 -8.98 31.67
N GLU A 695 12.48 -9.52 32.63
CA GLU A 695 11.90 -10.13 33.85
C GLU A 695 11.18 -9.06 34.66
N THR A 696 11.68 -7.85 34.65
CA THR A 696 11.01 -6.76 35.31
C THR A 696 9.74 -6.40 34.58
N VAL A 697 9.87 -6.25 33.28
CA VAL A 697 8.73 -5.94 32.40
C VAL A 697 7.63 -6.95 32.60
N ALA A 698 7.99 -8.23 32.74
CA ALA A 698 7.02 -9.26 32.95
C ALA A 698 6.30 -9.11 34.29
N GLU A 699 7.08 -8.76 35.30
CA GLU A 699 6.56 -8.68 36.66
C GLU A 699 5.38 -7.71 36.73
N LYS A 700 5.44 -6.62 35.98
CA LYS A 700 4.31 -5.66 35.99
C LYS A 700 3.56 -5.60 34.63
N TYR A 701 3.50 -6.71 33.92
CA TYR A 701 3.01 -6.64 32.54
C TYR A 701 1.62 -6.05 32.54
N GLY A 702 0.78 -6.58 33.42
CA GLY A 702 -0.58 -6.11 33.61
C GLY A 702 -0.68 -4.60 33.70
N GLU A 703 0.24 -4.04 34.44
CA GLU A 703 0.26 -2.64 34.75
C GLU A 703 0.69 -1.85 33.53
N ALA A 705 0.26 -2.92 30.34
CA ALA A 705 -0.58 -3.29 29.22
C ALA A 705 -1.93 -2.57 29.28
N GLN A 706 -1.88 -1.25 29.20
CA GLN A 706 -3.09 -0.42 29.26
C GLN A 706 -3.74 -0.24 27.86
N ASN A 707 -3.07 -0.66 26.81
CA ASN A 707 -3.62 -0.67 25.45
C ASN A 707 -2.70 -1.47 24.58
N THR A 709 -1.13 -0.65 21.82
CA THR A 709 0.09 0.08 21.49
C THR A 709 1.23 -0.25 22.48
N HIS A 710 0.90 -0.32 23.78
CA HIS A 710 1.86 -0.69 24.78
C HIS A 710 2.22 -2.18 24.74
N GLU A 711 1.24 -3.07 24.68
CA GLU A 711 1.57 -4.51 24.55
C GLU A 711 2.36 -4.81 23.28
N TRP A 712 1.96 -4.25 22.15
CA TRP A 712 2.70 -4.47 20.91
C TRP A 712 4.16 -3.96 21.07
N GLY A 713 4.32 -2.70 21.45
CA GLY A 713 5.64 -2.18 21.64
C GLY A 713 6.56 -2.95 22.62
N ILE A 714 6.01 -3.45 23.71
CA ILE A 714 6.81 -4.27 24.60
C ILE A 714 7.13 -5.63 23.96
N LEU A 715 6.08 -6.30 23.43
CA LEU A 715 6.28 -7.56 22.76
C LEU A 715 7.29 -7.43 21.61
N SER A 716 7.21 -6.36 20.81
CA SER A 716 8.23 -6.10 19.71
C SER A 716 9.65 -5.94 20.25
N ALA A 717 9.80 -5.17 21.33
CA ALA A 717 11.11 -4.95 21.92
C ALA A 717 11.77 -6.27 22.47
N VAL A 718 10.99 -7.22 22.93
CA VAL A 718 11.61 -8.41 23.50
C VAL A 718 11.69 -9.50 22.48
N ASN A 719 11.10 -9.29 21.28
CA ASN A 719 10.74 -10.43 20.38
C ASN A 719 11.97 -11.21 20.01
N GLY A 720 13.11 -10.53 20.00
CA GLY A 720 14.41 -11.16 19.71
C GLY A 720 15.16 -11.71 20.91
N ASN A 721 14.64 -11.54 22.12
CA ASN A 721 15.35 -11.91 23.38
C ASN A 721 15.35 -13.42 23.42
N GLU A 722 16.51 -14.00 23.78
CA GLU A 722 16.66 -15.44 23.89
C GLU A 722 16.16 -15.94 25.23
N SER A 723 15.54 -15.09 26.05
CA SER A 723 14.99 -15.62 27.27
C SER A 723 13.83 -16.52 26.96
N ASP A 724 13.63 -17.51 27.82
CA ASP A 724 12.42 -18.30 27.83
C ASP A 724 11.18 -17.40 28.11
N THR A 725 11.41 -16.29 28.80
CA THR A 725 10.33 -15.40 29.15
C THR A 725 9.73 -14.79 27.88
N ARG A 726 10.55 -14.60 26.85
CA ARG A 726 10.01 -14.09 25.59
C ARG A 726 8.93 -15.06 25.12
N ASN A 727 9.21 -16.34 25.19
CA ASN A 727 8.25 -17.34 24.74
C ASN A 727 7.06 -17.36 25.65
N ARG A 728 7.26 -17.18 26.96
CA ARG A 728 6.10 -17.28 27.86
C ARG A 728 5.14 -16.12 27.56
N LEU A 729 5.68 -14.93 27.36
CA LEU A 729 4.85 -13.76 27.12
C LEU A 729 4.06 -13.85 25.80
N LEU A 730 4.70 -14.32 24.74
CA LEU A 730 3.95 -14.61 23.49
C LEU A 730 2.81 -15.57 23.68
N ALA A 731 3.05 -16.68 24.42
CA ALA A 731 2.06 -17.68 24.72
C ALA A 731 0.92 -17.09 25.56
N GLN A 732 1.24 -16.17 26.47
CA GLN A 732 0.19 -15.55 27.24
C GLN A 732 -0.61 -14.62 26.35
N PHE A 733 0.07 -13.89 25.48
CA PHE A 733 -0.60 -13.00 24.51
C PHE A 733 -1.56 -13.83 23.62
N ALA A 734 -1.09 -14.92 23.08
CA ALA A 734 -2.00 -15.82 22.31
C ALA A 734 -3.22 -16.23 23.08
N ASP A 735 -3.04 -16.48 24.37
CA ASP A 735 -4.13 -16.97 25.20
C ASP A 735 -5.17 -15.88 25.53
N LYS A 736 -4.69 -14.73 25.96
CA LYS A 736 -5.58 -13.61 26.25
C LYS A 736 -6.41 -13.16 25.04
N PHE A 737 -5.84 -13.20 23.81
CA PHE A 737 -6.50 -12.60 22.67
C PHE A 737 -6.93 -13.65 21.65
N SER A 738 -7.08 -14.91 22.10
CA SER A 738 -7.33 -16.04 21.21
C SER A 738 -8.60 -15.90 20.35
N ASP A 739 -9.57 -15.13 20.82
CA ASP A 739 -10.82 -14.92 20.09
C ASP A 739 -10.73 -13.73 19.13
N ASP A 740 -9.68 -12.94 19.26
CA ASP A 740 -9.50 -11.77 18.41
C ASP A 740 -8.55 -12.06 17.22
N ALA A 741 -9.11 -12.22 16.00
CA ALA A 741 -8.36 -12.67 14.86
C ALA A 741 -7.29 -11.72 14.38
N LEU A 742 -7.62 -10.45 14.47
CA LEU A 742 -6.64 -9.38 14.15
C LEU A 742 -5.49 -9.34 15.18
N VAL A 743 -5.78 -9.62 16.45
CA VAL A 743 -4.68 -9.74 17.40
C VAL A 743 -3.87 -11.02 17.16
N ASP A 745 -3.13 -12.19 14.34
CA ASP A 745 -2.24 -11.82 13.26
C ASP A 745 -1.01 -11.19 13.78
N LYS A 746 -1.13 -10.38 14.82
CA LYS A 746 0.05 -9.84 15.53
C LYS A 746 0.90 -10.96 16.10
N TYR A 747 0.26 -11.94 16.73
CA TYR A 747 1.08 -13.02 17.37
C TYR A 747 1.96 -13.69 16.29
N PHE A 748 1.33 -13.96 15.12
CA PHE A 748 1.99 -14.65 14.08
C PHE A 748 3.09 -13.84 13.48
N ALA A 749 2.89 -12.54 13.40
CA ALA A 749 3.90 -11.65 12.92
C ALA A 749 5.11 -11.63 13.79
N LEU A 750 4.92 -11.65 15.12
CA LEU A 750 5.99 -11.80 16.10
C LEU A 750 6.69 -13.13 15.99
N VAL A 751 5.94 -14.20 15.84
CA VAL A 751 6.62 -15.48 15.64
C VAL A 751 7.53 -15.43 14.41
N GLY A 752 7.00 -14.84 13.34
CA GLY A 752 7.66 -14.90 12.04
C GLY A 752 8.84 -13.95 11.91
N SER A 753 8.82 -12.85 12.67
CA SER A 753 9.84 -11.81 12.55
C SER A 753 10.97 -11.94 13.54
N SER A 754 10.83 -12.80 14.55
CA SER A 754 11.85 -12.85 15.61
C SER A 754 13.28 -13.09 15.12
N ARG A 755 14.22 -12.33 15.68
CA ARG A 755 15.63 -12.58 15.43
C ARG A 755 16.31 -13.67 16.26
N ARG A 756 15.58 -14.30 17.19
CA ARG A 756 16.10 -15.43 17.95
C ARG A 756 16.60 -16.50 17.00
N SER A 757 17.50 -17.37 17.47
CA SER A 757 18.08 -18.41 16.62
C SER A 757 17.07 -19.47 16.21
N ASP A 758 16.02 -19.70 16.98
CA ASP A 758 15.10 -20.82 16.64
C ASP A 758 13.81 -20.47 15.86
N THR A 759 13.80 -19.33 15.18
CA THR A 759 12.57 -18.87 14.58
C THR A 759 11.98 -19.84 13.54
N LEU A 760 12.79 -20.54 12.78
CA LEU A 760 12.27 -21.41 11.70
C LEU A 760 11.41 -22.49 12.28
N GLN A 761 11.87 -23.15 13.34
CA GLN A 761 11.05 -24.21 13.92
C GLN A 761 9.84 -23.66 14.67
N GLN A 762 9.96 -22.47 15.27
CA GLN A 762 8.83 -21.89 15.95
C GLN A 762 7.76 -21.55 14.89
N VAL A 763 8.22 -21.06 13.75
CA VAL A 763 7.32 -20.83 12.63
C VAL A 763 6.64 -22.10 12.19
N ARG A 764 7.39 -23.21 12.09
CA ARG A 764 6.78 -24.48 11.66
C ARG A 764 5.77 -25.02 12.65
N THR A 765 5.93 -24.65 13.92
CA THR A 765 4.92 -25.02 14.90
C THR A 765 3.70 -24.10 14.75
N ALA A 766 3.95 -22.80 14.58
CA ALA A 766 2.84 -21.90 14.33
C ALA A 766 1.92 -22.26 13.18
N LEU A 767 2.45 -22.93 12.15
CA LEU A 767 1.60 -23.34 11.02
C LEU A 767 0.47 -24.22 11.46
N GLN A 768 0.65 -24.93 12.57
CA GLN A 768 -0.30 -25.93 13.05
C GLN A 768 -1.10 -25.42 14.24
N HIS A 769 -0.92 -24.16 14.57
CA HIS A 769 -1.61 -23.54 15.66
C HIS A 769 -3.09 -23.54 15.24
N PRO A 770 -4.00 -23.87 16.16
CA PRO A 770 -5.43 -23.97 15.87
C PRO A 770 -6.07 -22.69 15.30
N LYS A 771 -5.48 -21.54 15.55
CA LYS A 771 -5.94 -20.26 14.98
C LYS A 771 -5.25 -19.86 13.68
N PHE A 772 -4.27 -20.63 13.19
CA PHE A 772 -3.65 -20.28 11.96
C PHE A 772 -4.40 -20.95 10.83
N SER A 773 -4.67 -20.20 9.76
CA SER A 773 -5.15 -20.82 8.49
C SER A 773 -4.30 -20.35 7.33
N LEU A 774 -3.64 -21.30 6.64
CA LEU A 774 -2.87 -20.93 5.47
C LEU A 774 -3.76 -20.28 4.41
N GLU A 775 -5.03 -20.68 4.38
CA GLU A 775 -5.99 -20.17 3.42
C GLU A 775 -6.50 -18.78 3.72
N ASN A 776 -6.07 -18.21 4.83
CA ASN A 776 -6.41 -16.86 5.17
C ASN A 776 -5.27 -15.88 4.90
N PRO A 777 -5.50 -14.90 4.00
CA PRO A 777 -4.41 -14.08 3.57
C PRO A 777 -3.77 -13.27 4.74
N ASN A 778 -4.58 -12.77 5.64
CA ASN A 778 -4.02 -12.01 6.77
C ASN A 778 -3.05 -12.90 7.54
N LYS A 779 -3.46 -14.14 7.79
CA LYS A 779 -2.61 -15.10 8.53
C LYS A 779 -1.31 -15.45 7.82
N ALA A 780 -1.46 -15.71 6.56
CA ALA A 780 -0.37 -16.15 5.79
C ALA A 780 0.67 -15.06 5.70
N ARG A 781 0.24 -13.85 5.45
CA ARG A 781 1.13 -12.71 5.41
C ARG A 781 1.79 -12.51 6.74
N SER A 782 0.98 -12.59 7.77
CA SER A 782 1.42 -12.39 9.15
C SER A 782 2.57 -13.30 9.52
N LEU A 783 2.40 -14.61 9.30
CA LEU A 783 3.49 -15.57 9.64
C LEU A 783 4.59 -15.71 8.58
N ILE A 784 4.16 -16.08 7.36
CA ILE A 784 5.04 -16.45 6.30
C ILE A 784 5.66 -15.25 5.63
N GLY A 785 4.83 -14.26 5.33
CA GLY A 785 5.28 -13.02 4.76
C GLY A 785 6.35 -12.45 5.70
N SER A 786 6.06 -12.41 6.98
CA SER A 786 7.05 -11.86 7.98
C SER A 786 8.33 -12.65 8.01
N PHE A 787 8.21 -13.99 7.96
CA PHE A 787 9.39 -14.82 7.96
C PHE A 787 10.17 -14.48 6.71
N SER A 788 9.46 -14.32 5.58
CA SER A 788 10.10 -14.07 4.31
C SER A 788 10.91 -12.78 4.34
N ARG A 789 10.58 -11.86 5.24
CA ARG A 789 11.28 -10.56 5.32
C ARG A 789 12.26 -10.55 6.46
N ASN A 790 12.37 -11.66 7.20
CA ASN A 790 13.25 -11.77 8.31
C ASN A 790 14.64 -12.12 7.84
N VAL A 791 15.46 -11.10 7.73
CA VAL A 791 16.75 -11.18 7.00
C VAL A 791 17.69 -12.32 7.41
N PRO A 792 18.04 -12.42 8.68
CA PRO A 792 18.95 -13.52 9.14
C PRO A 792 18.39 -14.92 8.84
N HIS A 793 17.06 -15.06 8.87
CA HIS A 793 16.42 -16.33 8.74
C HIS A 793 16.06 -16.65 7.29
N PHE A 794 15.49 -15.70 6.56
CA PHE A 794 15.19 -15.94 5.15
C PHE A 794 16.47 -16.18 4.32
N HIS A 795 17.51 -15.43 4.62
CA HIS A 795 18.81 -15.56 3.95
C HIS A 795 19.80 -16.38 4.73
N ALA A 796 19.36 -17.38 5.49
CA ALA A 796 20.30 -18.23 6.17
C ALA A 796 21.24 -18.91 5.16
N GLU A 797 22.50 -18.96 5.53
CA GLU A 797 23.48 -19.55 4.66
C GLU A 797 23.13 -20.99 4.25
N ASP A 798 22.47 -21.79 5.09
CA ASP A 798 22.23 -23.16 4.71
C ASP A 798 21.11 -23.31 3.66
N GLY A 799 20.44 -22.23 3.33
CA GLY A 799 19.33 -22.30 2.40
C GLY A 799 17.98 -22.63 2.99
N SER A 800 17.92 -22.87 4.30
CA SER A 800 16.66 -23.30 4.87
C SER A 800 15.51 -22.35 4.65
N GLY A 801 15.82 -21.06 4.64
CA GLY A 801 14.82 -20.06 4.61
C GLY A 801 14.24 -20.01 3.20
N TYR A 802 15.12 -20.06 2.22
CA TYR A 802 14.73 -20.04 0.84
C TYR A 802 13.91 -21.31 0.55
N ARG A 803 14.33 -22.48 1.09
CA ARG A 803 13.58 -23.71 0.80
C ARG A 803 12.22 -23.65 1.44
N PHE A 804 12.14 -23.21 2.69
CA PHE A 804 10.84 -23.09 3.35
C PHE A 804 9.90 -22.19 2.51
N ILE A 805 10.38 -20.98 2.17
CA ILE A 805 9.51 -20.00 1.50
C ILE A 805 9.07 -20.56 0.13
N ALA A 806 9.95 -21.25 -0.56
CA ALA A 806 9.65 -21.78 -1.87
C ALA A 806 8.56 -22.88 -1.76
N ASP A 807 8.62 -23.71 -0.72
CA ASP A 807 7.56 -24.67 -0.48
C ASP A 807 6.18 -23.99 -0.24
N LYS A 808 6.17 -22.92 0.53
CA LYS A 808 4.94 -22.28 0.79
C LYS A 808 4.39 -21.53 -0.43
N VAL A 809 5.27 -21.03 -1.29
CA VAL A 809 4.84 -20.44 -2.53
C VAL A 809 4.10 -21.51 -3.34
N ILE A 810 4.74 -22.66 -3.45
CA ILE A 810 4.17 -23.78 -4.17
C ILE A 810 2.79 -24.14 -3.57
N GLU A 811 2.70 -24.19 -2.26
CA GLU A 811 1.48 -24.66 -1.57
C GLU A 811 0.33 -23.65 -1.65
N ILE A 812 0.60 -22.40 -1.40
CA ILE A 812 -0.44 -21.33 -1.49
C ILE A 812 -0.96 -21.13 -2.90
N ASP A 813 -0.04 -21.27 -3.88
CA ASP A 813 -0.42 -21.03 -5.23
C ASP A 813 -1.45 -22.04 -5.71
N ARG A 814 -1.53 -23.21 -5.10
CA ARG A 814 -2.61 -24.13 -5.45
C ARG A 814 -4.01 -23.57 -5.10
N PHE A 815 -4.16 -22.55 -4.25
CA PHE A 815 -5.55 -22.02 -4.00
C PHE A 815 -5.59 -20.49 -4.10
N ASN A 816 -4.48 -19.80 -3.94
CA ASN A 816 -4.50 -18.35 -3.96
C ASN A 816 -3.29 -17.80 -4.61
N PRO A 817 -3.33 -17.74 -5.96
CA PRO A 817 -2.15 -17.29 -6.70
C PRO A 817 -1.70 -15.91 -6.36
N GLN A 818 -2.64 -15.04 -5.99
CA GLN A 818 -2.31 -13.64 -5.62
C GLN A 818 -1.39 -13.53 -4.43
N VAL A 819 -1.75 -14.17 -3.34
CA VAL A 819 -0.90 -14.24 -2.17
C VAL A 819 0.44 -14.89 -2.54
N ALA A 820 0.43 -15.91 -3.40
CA ALA A 820 1.67 -16.66 -3.71
C ALA A 820 2.61 -15.76 -4.51
N ALA A 821 2.06 -14.92 -5.41
CA ALA A 821 2.85 -14.10 -6.33
C ALA A 821 3.47 -12.90 -5.60
N ARG A 822 2.82 -12.49 -4.51
CA ARG A 822 3.33 -11.46 -3.63
C ARG A 822 4.44 -12.05 -2.78
N LEU A 823 4.24 -13.30 -2.36
CA LEU A 823 5.25 -14.00 -1.51
C LEU A 823 6.51 -14.32 -2.29
N VAL A 824 6.36 -14.80 -3.50
CA VAL A 824 7.55 -15.19 -4.29
C VAL A 824 8.49 -14.03 -4.55
N GLN A 825 7.97 -12.83 -4.47
CA GLN A 825 8.83 -11.64 -4.60
C GLN A 825 9.85 -11.45 -3.53
N ALA A 826 9.78 -12.22 -2.43
CA ALA A 826 10.85 -12.23 -1.45
C ALA A 826 12.16 -12.62 -2.14
N PHE A 827 12.10 -13.26 -3.29
CA PHE A 827 13.33 -13.68 -3.99
C PHE A 827 13.87 -12.64 -5.00
N ASN A 828 13.27 -11.46 -5.01
CA ASN A 828 13.65 -10.47 -6.01
C ASN A 828 15.10 -10.08 -6.02
N LEU A 829 15.80 -10.30 -4.91
CA LEU A 829 17.19 -9.91 -4.79
C LEU A 829 18.11 -10.87 -5.49
N CYS A 830 17.61 -12.04 -5.86
CA CYS A 830 18.40 -13.09 -6.55
C CYS A 830 19.71 -12.70 -7.24
N ASN A 831 19.63 -11.94 -8.32
CA ASN A 831 20.80 -11.63 -9.18
CA ASN A 831 20.79 -11.71 -9.15
C ASN A 831 21.80 -10.69 -8.48
N LYS A 832 21.44 -10.10 -7.36
CA LYS A 832 22.36 -9.23 -6.65
C LYS A 832 23.06 -9.90 -5.43
N LEU A 833 22.72 -11.14 -5.14
CA LEU A 833 23.33 -11.85 -4.02
C LEU A 833 24.69 -12.39 -4.36
N GLU A 834 25.47 -12.63 -3.32
CA GLU A 834 26.75 -13.34 -3.47
C GLU A 834 26.47 -14.79 -3.92
N PRO A 835 27.46 -15.41 -4.54
CA PRO A 835 27.25 -16.62 -5.35
C PRO A 835 26.65 -17.82 -4.65
N HIS A 836 26.97 -18.00 -3.39
CA HIS A 836 26.41 -19.16 -2.71
C HIS A 836 24.87 -18.98 -2.47
N ARG A 837 24.46 -17.84 -1.96
CA ARG A 837 23.00 -17.65 -1.86
C ARG A 837 22.30 -17.57 -3.20
N LYS A 838 22.89 -16.94 -4.19
CA LYS A 838 22.28 -16.86 -5.50
C LYS A 838 21.95 -18.23 -6.05
N ASN A 839 22.87 -19.17 -5.92
CA ASN A 839 22.69 -20.52 -6.39
C ASN A 839 21.50 -21.13 -5.71
N LEU A 840 21.47 -21.04 -4.39
CA LEU A 840 20.33 -21.56 -3.64
C LEU A 840 18.97 -20.90 -4.06
N VAL A 841 18.95 -19.56 -4.16
CA VAL A 841 17.74 -18.86 -4.69
C VAL A 841 17.31 -19.36 -6.09
N LYS A 842 18.27 -19.53 -7.00
CA LYS A 842 17.99 -19.93 -8.35
C LYS A 842 17.41 -21.33 -8.38
N GLN A 843 17.95 -22.24 -7.56
CA GLN A 843 17.37 -23.57 -7.38
C GLN A 843 15.92 -23.58 -6.94
N ALA A 844 15.63 -22.79 -5.93
CA ALA A 844 14.28 -22.67 -5.43
C ALA A 844 13.32 -22.09 -6.46
N LEU A 845 13.75 -21.04 -7.15
CA LEU A 845 12.93 -20.50 -8.25
C LEU A 845 12.76 -21.55 -9.33
N GLN A 846 13.78 -22.31 -9.67
CA GLN A 846 13.58 -23.44 -10.66
C GLN A 846 12.58 -24.46 -10.19
N ARG A 847 12.59 -24.75 -8.89
CA ARG A 847 11.62 -25.69 -8.36
C ARG A 847 10.19 -25.13 -8.41
N ILE A 848 10.01 -23.86 -8.10
CA ILE A 848 8.71 -23.26 -8.28
C ILE A 848 8.33 -23.37 -9.74
N ARG A 849 9.26 -23.08 -10.61
CA ARG A 849 8.91 -23.07 -12.02
C ARG A 849 8.47 -24.46 -12.48
N ALA A 850 9.04 -25.48 -11.87
CA ALA A 850 8.82 -26.83 -12.33
C ALA A 850 7.46 -27.35 -11.92
N GLN A 851 6.77 -26.76 -10.95
CA GLN A 851 5.42 -27.25 -10.58
C GLN A 851 4.43 -27.32 -11.73
N GLU A 852 3.83 -28.46 -11.98
CA GLU A 852 2.68 -28.52 -12.87
C GLU A 852 1.58 -27.61 -12.32
N GLY A 853 0.90 -26.92 -13.23
CA GLY A 853 -0.27 -26.12 -12.85
C GLY A 853 0.06 -24.76 -12.20
N LEU A 854 1.33 -24.37 -12.21
CA LEU A 854 1.73 -23.09 -11.61
C LEU A 854 0.91 -21.99 -12.27
N SER A 855 0.28 -21.17 -11.41
CA SER A 855 -0.41 -19.96 -11.90
C SER A 855 0.46 -19.07 -12.84
N LYS A 856 -0.21 -18.52 -13.83
CA LYS A 856 0.23 -17.31 -14.52
C LYS A 856 0.78 -16.19 -13.55
N ASP A 857 0.12 -16.00 -12.41
CA ASP A 857 0.58 -14.92 -11.50
C ASP A 857 2.07 -15.17 -11.12
N VAL A 858 2.31 -16.38 -10.59
CA VAL A 858 3.65 -16.68 -10.10
C VAL A 858 4.63 -16.87 -11.22
N GLY A 859 4.19 -17.47 -12.32
CA GLY A 859 5.06 -17.64 -13.47
C GLY A 859 5.61 -16.35 -13.98
N GLU A 860 4.74 -15.34 -14.09
CA GLU A 860 5.21 -14.04 -14.57
C GLU A 860 6.35 -13.50 -13.70
N ILE A 861 6.20 -13.60 -12.37
CA ILE A 861 7.23 -13.09 -11.47
C ILE A 861 8.50 -13.92 -11.55
N VAL A 862 8.39 -15.26 -11.54
CA VAL A 862 9.60 -16.07 -11.60
C VAL A 862 10.31 -15.83 -12.91
N GLY A 863 9.60 -15.64 -14.01
CA GLY A 863 10.23 -15.28 -15.31
C GLY A 863 11.13 -14.05 -15.19
N LYS A 864 10.61 -13.05 -14.52
CA LYS A 864 11.38 -11.79 -14.42
C LYS A 864 12.61 -11.96 -13.59
N ILE A 865 12.52 -12.75 -12.57
CA ILE A 865 13.70 -12.96 -11.76
C ILE A 865 14.67 -13.86 -12.51
N LEU A 866 14.19 -14.96 -13.07
CA LEU A 866 15.05 -16.01 -13.64
C LEU A 866 15.56 -15.79 -15.05
N ASP A 867 14.74 -15.21 -15.91
CA ASP A 867 15.01 -15.21 -17.38
C ASP A 867 15.36 -13.84 -17.93
#